data_1IO9
#
_entry.id   1IO9
#
_cell.length_a   87.587
_cell.length_b   87.587
_cell.length_c   223.151
_cell.angle_alpha   90.00
_cell.angle_beta   90.00
_cell.angle_gamma   90.00
#
_symmetry.space_group_name_H-M   'P 43 21 2'
#
loop_
_entity.id
_entity.type
_entity.pdbx_description
1 polymer 'CYTOCHROME P450 CYP119'
2 non-polymer 'PROTOPORPHYRIN IX CONTAINING FE'
3 water water
#
_entity_poly.entity_id   1
_entity_poly.type   'polypeptide(L)'
_entity_poly.pdbx_seq_one_letter_code
;MYDWFSEMRKKDPVYYDGNIWQVFSYRYTKEVLNNFSKFSSDLTGYHERLEDLRNGKIRFDIPTRYTMLTSDPPLHDELR
SMSADIFSPQKLQTLETFIRETTRSLLDSIDPREDDIVKKLAVPLPIIVISKILGLPIEDKEKFKEWSDLVAFRLGKPGE
IFELGKKYLELIGYVKDHLNSGTEVVSRVVNSNLSDIEKLGYIILLLIAGNETTTNLISNSVIDFTRFNLWQRIREENLY
LKAIEEALRYSPPVMRTVRKTKERVKLGDQTIEEGEYVRVWIASANRDEEVFHDGEKFIPDRNPNPHLSFGSGIHLCLGA
PLARLEARIAIEEFSKRFRHIEILDTEKVPNEVLNGYKRLVVRLKSNE
;
_entity_poly.pdbx_strand_id   A,B
#
loop_
_chem_comp.id
_chem_comp.type
_chem_comp.name
_chem_comp.formula
HEM non-polymer 'PROTOPORPHYRIN IX CONTAINING FE' 'C34 H32 Fe N4 O4'
#
# COMPACT_ATOMS: atom_id res chain seq x y z
N MET A 1 -1.13 -0.53 -3.80
CA MET A 1 -1.96 0.70 -3.94
C MET A 1 -3.39 0.32 -4.29
N TYR A 2 -3.75 -0.94 -4.06
CA TYR A 2 -5.07 -1.44 -4.36
C TYR A 2 -6.18 -0.84 -3.52
N ASP A 3 -5.83 -0.34 -2.34
CA ASP A 3 -6.85 0.27 -1.48
C ASP A 3 -7.26 1.61 -2.05
N TRP A 4 -6.26 2.35 -2.54
CA TRP A 4 -6.47 3.66 -3.16
C TRP A 4 -7.33 3.45 -4.41
N PHE A 5 -7.00 2.39 -5.15
CA PHE A 5 -7.72 2.00 -6.36
C PHE A 5 -9.21 1.90 -6.04
N SER A 6 -9.54 1.12 -5.00
CA SER A 6 -10.92 0.93 -4.61
C SER A 6 -11.61 2.23 -4.23
N GLU A 7 -10.85 3.18 -3.68
CA GLU A 7 -11.45 4.45 -3.29
C GLU A 7 -11.71 5.28 -4.52
N MET A 8 -10.80 5.20 -5.48
CA MET A 8 -10.92 5.97 -6.71
C MET A 8 -12.05 5.41 -7.57
N ARG A 9 -12.19 4.08 -7.58
CA ARG A 9 -13.25 3.44 -8.36
C ARG A 9 -14.61 3.92 -7.86
N LYS A 10 -14.71 4.20 -6.55
CA LYS A 10 -15.96 4.65 -5.93
C LYS A 10 -16.21 6.17 -5.94
N LYS A 11 -15.15 6.98 -5.97
CA LYS A 11 -15.30 8.43 -5.98
C LYS A 11 -15.04 9.08 -7.34
N ASP A 12 -13.94 8.71 -7.99
CA ASP A 12 -13.58 9.27 -9.28
C ASP A 12 -13.02 8.21 -10.21
N PRO A 13 -13.88 7.37 -10.79
CA PRO A 13 -13.46 6.31 -11.71
C PRO A 13 -12.73 6.91 -12.92
N VAL A 14 -13.10 8.13 -13.28
CA VAL A 14 -12.45 8.86 -14.37
C VAL A 14 -11.99 10.11 -13.66
N TYR A 15 -10.68 10.20 -13.41
CA TYR A 15 -10.13 11.29 -12.64
C TYR A 15 -9.00 12.04 -13.33
N TYR A 16 -8.95 13.35 -13.12
CA TYR A 16 -7.90 14.19 -13.69
C TYR A 16 -7.07 14.79 -12.56
N ASP A 17 -5.75 14.60 -12.61
CA ASP A 17 -4.87 15.10 -11.56
C ASP A 17 -3.99 16.29 -11.94
N GLY A 18 -4.39 17.01 -12.98
CA GLY A 18 -3.59 18.16 -13.39
C GLY A 18 -3.02 18.05 -14.79
N ASN A 19 -2.16 17.06 -15.01
CA ASN A 19 -1.56 16.86 -16.32
C ASN A 19 -2.22 15.73 -17.10
N ILE A 20 -2.51 14.61 -16.42
CA ILE A 20 -3.12 13.48 -17.10
C ILE A 20 -4.42 12.97 -16.51
N TRP A 21 -5.15 12.22 -17.33
CA TRP A 21 -6.41 11.64 -16.93
C TRP A 21 -6.12 10.21 -16.49
N GLN A 22 -6.93 9.70 -15.57
CA GLN A 22 -6.77 8.34 -15.06
C GLN A 22 -8.12 7.65 -14.91
N VAL A 23 -8.22 6.45 -15.47
CA VAL A 23 -9.47 5.68 -15.41
C VAL A 23 -9.25 4.47 -14.49
N PHE A 24 -10.15 4.27 -13.53
CA PHE A 24 -9.98 3.18 -12.57
C PHE A 24 -11.00 2.02 -12.64
N SER A 25 -12.16 2.25 -13.26
CA SER A 25 -13.17 1.20 -13.32
C SER A 25 -13.12 0.31 -14.55
N TYR A 26 -13.59 -0.93 -14.39
CA TYR A 26 -13.64 -1.89 -15.48
C TYR A 26 -14.40 -1.26 -16.65
N ARG A 27 -15.61 -0.82 -16.37
CA ARG A 27 -16.47 -0.19 -17.36
C ARG A 27 -15.73 0.80 -18.27
N TYR A 28 -15.14 1.84 -17.68
CA TYR A 28 -14.46 2.84 -18.48
C TYR A 28 -13.11 2.47 -19.08
N THR A 29 -12.33 1.60 -18.44
CA THR A 29 -11.04 1.24 -19.05
C THR A 29 -11.26 0.36 -20.27
N LYS A 30 -12.29 -0.49 -20.22
CA LYS A 30 -12.61 -1.36 -21.33
C LYS A 30 -13.06 -0.49 -22.48
N GLU A 31 -13.77 0.58 -22.15
CA GLU A 31 -14.26 1.50 -23.17
C GLU A 31 -13.11 2.18 -23.88
N VAL A 32 -12.21 2.78 -23.09
CA VAL A 32 -11.05 3.44 -23.64
C VAL A 32 -10.24 2.49 -24.52
N LEU A 33 -9.98 1.29 -24.02
CA LEU A 33 -9.21 0.27 -24.75
C LEU A 33 -9.87 -0.24 -26.03
N ASN A 34 -11.20 -0.19 -26.09
CA ASN A 34 -11.90 -0.70 -27.26
C ASN A 34 -12.19 0.35 -28.32
N ASN A 35 -12.49 1.56 -27.87
CA ASN A 35 -12.81 2.68 -28.74
C ASN A 35 -11.56 3.36 -29.29
N PHE A 36 -11.08 2.91 -30.45
CA PHE A 36 -9.87 3.49 -31.05
C PHE A 36 -10.09 4.80 -31.82
N SER A 37 -11.29 4.99 -32.35
CA SER A 37 -11.58 6.20 -33.11
C SER A 37 -11.38 7.47 -32.27
N LYS A 38 -11.67 7.34 -30.97
CA LYS A 38 -11.53 8.47 -30.04
C LYS A 38 -10.25 8.43 -29.19
N PHE A 39 -9.85 7.22 -28.75
CA PHE A 39 -8.63 7.03 -27.95
C PHE A 39 -7.56 6.31 -28.81
N SER A 40 -6.57 7.05 -29.27
CA SER A 40 -5.53 6.54 -30.17
C SER A 40 -4.27 5.94 -29.53
N SER A 41 -3.55 5.11 -30.30
CA SER A 41 -2.31 4.46 -29.88
C SER A 41 -1.15 5.02 -30.71
N ASP A 42 -1.44 6.09 -31.44
CA ASP A 42 -0.46 6.77 -32.29
C ASP A 42 0.33 7.76 -31.45
N LEU A 43 1.12 7.26 -30.51
CA LEU A 43 1.89 8.13 -29.63
C LEU A 43 3.29 8.44 -30.07
N THR A 44 3.77 7.74 -31.10
CA THR A 44 5.13 7.95 -31.59
C THR A 44 5.20 8.60 -32.98
N GLY A 45 4.09 9.20 -33.41
CA GLY A 45 4.04 9.85 -34.70
C GLY A 45 4.28 8.95 -35.89
N TYR A 46 3.87 7.70 -35.77
CA TYR A 46 4.04 6.70 -36.83
C TYR A 46 3.16 7.01 -38.05
N HIS A 47 1.90 7.34 -37.82
CA HIS A 47 0.99 7.64 -38.93
C HIS A 47 1.41 8.88 -39.72
N GLU A 48 1.98 9.86 -39.02
CA GLU A 48 2.42 11.11 -39.65
C GLU A 48 3.66 10.94 -40.53
N ARG A 49 4.40 9.86 -40.33
CA ARG A 49 5.61 9.61 -41.10
C ARG A 49 5.52 8.40 -42.00
N LEU A 50 4.34 7.79 -42.07
CA LEU A 50 4.15 6.59 -42.91
C LEU A 50 4.57 6.82 -44.37
N GLU A 51 4.27 8.00 -44.91
CA GLU A 51 4.62 8.31 -46.28
C GLU A 51 6.14 8.46 -46.45
N ASP A 52 6.72 9.38 -45.69
CA ASP A 52 8.16 9.62 -45.75
C ASP A 52 8.90 8.32 -45.43
N LEU A 53 8.22 7.42 -44.73
CA LEU A 53 8.80 6.13 -44.38
C LEU A 53 8.77 5.23 -45.60
N ARG A 54 7.58 5.04 -46.18
CA ARG A 54 7.43 4.20 -47.37
C ARG A 54 7.91 4.89 -48.65
N ASN A 55 8.38 6.13 -48.55
CA ASN A 55 8.88 6.90 -49.69
C ASN A 55 10.40 6.94 -49.69
N GLY A 56 10.98 6.57 -48.56
CA GLY A 56 12.41 6.60 -48.43
C GLY A 56 12.90 7.90 -47.82
N LYS A 57 12.02 8.89 -47.72
CA LYS A 57 12.42 10.18 -47.15
C LYS A 57 13.14 10.02 -45.80
N ILE A 58 12.78 8.98 -45.04
CA ILE A 58 13.40 8.73 -43.73
C ILE A 58 14.35 7.54 -43.76
N ARG A 59 15.62 7.79 -43.50
CA ARG A 59 16.65 6.75 -43.53
C ARG A 59 16.89 5.99 -42.23
N PHE A 60 17.13 6.73 -41.15
CA PHE A 60 17.35 6.12 -39.85
C PHE A 60 16.45 6.77 -38.82
N ASP A 61 16.08 5.99 -37.81
CA ASP A 61 15.26 6.44 -36.71
C ASP A 61 15.12 5.26 -35.76
N ILE A 62 14.76 5.51 -34.52
CA ILE A 62 14.59 4.42 -33.55
C ILE A 62 13.44 3.59 -34.10
N PRO A 63 13.71 2.34 -34.51
CA PRO A 63 12.68 1.44 -35.07
C PRO A 63 11.48 1.13 -34.20
N THR A 64 11.66 1.19 -32.89
CA THR A 64 10.58 0.88 -31.96
C THR A 64 9.42 1.88 -31.96
N ARG A 65 9.59 2.98 -32.70
CA ARG A 65 8.55 3.99 -32.78
C ARG A 65 7.53 3.61 -33.83
N TYR A 66 7.85 2.59 -34.62
CA TYR A 66 6.98 2.19 -35.72
C TYR A 66 6.57 0.73 -35.75
N THR A 67 5.63 0.36 -34.88
CA THR A 67 5.15 -1.02 -34.78
C THR A 67 3.64 -1.00 -34.61
N MET A 68 3.00 -2.17 -34.77
CA MET A 68 1.56 -2.26 -34.63
C MET A 68 1.09 -1.74 -33.29
N LEU A 69 1.99 -1.71 -32.32
CA LEU A 69 1.65 -1.25 -30.98
C LEU A 69 1.32 0.24 -30.97
N THR A 70 2.06 1.07 -31.72
CA THR A 70 1.81 2.51 -31.74
C THR A 70 1.07 2.98 -32.99
N SER A 71 0.06 2.22 -33.42
CA SER A 71 -0.68 2.60 -34.60
C SER A 71 -2.17 2.30 -34.46
N ASP A 72 -2.96 2.96 -35.31
CA ASP A 72 -4.40 2.78 -35.35
C ASP A 72 -4.76 2.15 -36.69
N PRO A 73 -5.96 1.57 -36.78
CA PRO A 73 -6.29 1.00 -38.08
C PRO A 73 -6.39 2.18 -39.03
N PRO A 74 -6.32 1.95 -40.35
CA PRO A 74 -6.16 0.65 -41.02
C PRO A 74 -4.74 0.12 -40.93
N LEU A 75 -3.79 1.01 -40.71
CA LEU A 75 -2.36 0.66 -40.61
C LEU A 75 -2.18 -0.48 -39.63
N HIS A 76 -2.76 -0.31 -38.43
CA HIS A 76 -2.64 -1.33 -37.39
C HIS A 76 -3.05 -2.69 -37.91
N ASP A 77 -4.21 -2.75 -38.55
CA ASP A 77 -4.73 -4.01 -39.06
C ASP A 77 -3.90 -4.58 -40.21
N GLU A 78 -3.25 -3.70 -40.99
CA GLU A 78 -2.41 -4.16 -42.10
C GLU A 78 -1.24 -4.91 -41.49
N LEU A 79 -0.58 -4.27 -40.53
CA LEU A 79 0.58 -4.84 -39.87
C LEU A 79 0.30 -6.14 -39.11
N ARG A 80 -0.74 -6.14 -38.30
CA ARG A 80 -1.06 -7.32 -37.49
C ARG A 80 -1.37 -8.59 -38.27
N SER A 81 -2.06 -8.44 -39.40
CA SER A 81 -2.44 -9.60 -40.22
C SER A 81 -1.25 -10.38 -40.80
N MET A 82 -0.08 -9.74 -40.89
CA MET A 82 1.11 -10.41 -41.40
C MET A 82 1.56 -11.56 -40.50
N SER A 83 1.24 -11.50 -39.21
CA SER A 83 1.67 -12.54 -38.28
C SER A 83 0.55 -13.04 -37.38
N ALA A 84 -0.66 -12.52 -37.58
CA ALA A 84 -1.81 -12.92 -36.77
C ALA A 84 -2.13 -14.41 -36.77
N ASP A 85 -1.28 -15.24 -37.35
CA ASP A 85 -1.57 -16.67 -37.38
C ASP A 85 -0.48 -17.50 -36.79
N ILE A 86 0.68 -16.88 -36.59
CA ILE A 86 1.82 -17.58 -36.04
C ILE A 86 1.52 -17.97 -34.59
N PHE A 87 0.67 -17.19 -33.93
CA PHE A 87 0.27 -17.47 -32.56
C PHE A 87 -1.20 -17.87 -32.64
N SER A 88 -1.45 -19.04 -33.23
CA SER A 88 -2.80 -19.55 -33.41
C SER A 88 -3.05 -20.87 -32.64
N PRO A 89 -4.29 -21.38 -32.67
CA PRO A 89 -4.63 -22.62 -31.97
C PRO A 89 -3.68 -23.75 -32.32
N GLN A 90 -3.95 -24.36 -33.47
CA GLN A 90 -3.16 -25.46 -33.98
C GLN A 90 -1.69 -25.10 -34.06
N LYS A 91 -1.40 -23.85 -34.41
CA LYS A 91 -0.03 -23.43 -34.54
C LYS A 91 0.82 -23.69 -33.30
N LEU A 92 0.52 -22.97 -32.22
CA LEU A 92 1.26 -23.09 -30.97
C LEU A 92 1.19 -24.49 -30.37
N GLN A 93 0.05 -25.14 -30.54
CA GLN A 93 -0.13 -26.48 -30.00
C GLN A 93 1.01 -27.37 -30.46
N THR A 94 1.64 -27.02 -31.57
CA THR A 94 2.77 -27.79 -32.12
C THR A 94 4.08 -27.50 -31.41
N LEU A 95 4.08 -26.46 -30.61
CA LEU A 95 5.26 -26.05 -29.86
C LEU A 95 5.20 -26.68 -28.47
N GLU A 96 4.07 -27.32 -28.19
CA GLU A 96 3.83 -27.96 -26.90
C GLU A 96 4.93 -28.89 -26.43
N THR A 97 5.21 -29.92 -27.22
CA THR A 97 6.25 -30.86 -26.85
C THR A 97 7.56 -30.11 -26.59
N PHE A 98 7.85 -29.10 -27.43
CA PHE A 98 9.07 -28.30 -27.27
C PHE A 98 9.06 -27.54 -25.93
N ILE A 99 7.92 -26.92 -25.61
CA ILE A 99 7.82 -26.16 -24.36
C ILE A 99 7.98 -27.05 -23.11
N ARG A 100 7.37 -28.23 -23.10
CA ARG A 100 7.48 -29.13 -21.95
C ARG A 100 8.92 -29.57 -21.64
N GLU A 101 9.60 -30.15 -22.62
CA GLU A 101 10.98 -30.60 -22.40
C GLU A 101 11.87 -29.44 -21.98
N THR A 102 11.68 -28.32 -22.65
CA THR A 102 12.46 -27.13 -22.35
C THR A 102 12.34 -26.79 -20.86
N THR A 103 11.12 -26.66 -20.35
CA THR A 103 10.99 -26.34 -18.94
C THR A 103 11.51 -27.50 -18.10
N ARG A 104 11.21 -28.72 -18.55
CA ARG A 104 11.66 -29.93 -17.86
C ARG A 104 13.17 -29.86 -17.74
N SER A 105 13.80 -29.43 -18.82
CA SER A 105 15.25 -29.29 -18.89
C SER A 105 15.72 -28.23 -17.91
N LEU A 106 15.07 -27.07 -17.95
CA LEU A 106 15.41 -25.95 -17.07
C LEU A 106 15.25 -26.37 -15.61
N LEU A 107 14.20 -27.17 -15.34
CA LEU A 107 13.93 -27.65 -13.99
C LEU A 107 15.14 -28.46 -13.47
N ASP A 108 15.67 -29.33 -14.32
CA ASP A 108 16.82 -30.15 -13.97
C ASP A 108 17.95 -29.28 -13.40
N SER A 109 18.07 -28.06 -13.91
CA SER A 109 19.13 -27.14 -13.47
C SER A 109 18.94 -26.46 -12.10
N ILE A 110 17.86 -26.79 -11.40
CA ILE A 110 17.62 -26.16 -10.12
C ILE A 110 18.18 -26.96 -8.94
N ASP A 111 18.69 -26.23 -7.96
CA ASP A 111 19.25 -26.82 -6.75
C ASP A 111 18.24 -26.55 -5.63
N PRO A 112 17.43 -27.57 -5.27
CA PRO A 112 16.41 -27.49 -4.22
C PRO A 112 16.91 -26.94 -2.90
N ARG A 113 18.12 -27.32 -2.54
CA ARG A 113 18.75 -26.84 -1.33
C ARG A 113 18.44 -25.34 -1.21
N GLU A 114 18.64 -24.64 -2.32
CA GLU A 114 18.41 -23.20 -2.40
C GLU A 114 18.70 -22.76 -3.83
N ASP A 115 17.88 -21.85 -4.37
CA ASP A 115 18.06 -21.37 -5.74
C ASP A 115 17.07 -20.26 -6.11
N ASP A 116 17.32 -19.60 -7.26
CA ASP A 116 16.46 -18.52 -7.75
C ASP A 116 15.65 -18.99 -8.97
N ILE A 117 14.34 -19.15 -8.80
CA ILE A 117 13.51 -19.63 -9.91
C ILE A 117 13.39 -18.64 -11.05
N VAL A 118 13.45 -17.35 -10.73
CA VAL A 118 13.37 -16.31 -11.75
C VAL A 118 14.49 -16.48 -12.79
N LYS A 119 15.71 -16.50 -12.29
CA LYS A 119 16.89 -16.65 -13.11
C LYS A 119 17.03 -18.00 -13.80
N LYS A 120 16.54 -19.06 -13.17
CA LYS A 120 16.69 -20.39 -13.75
C LYS A 120 15.51 -20.90 -14.56
N LEU A 121 14.35 -20.27 -14.38
CA LEU A 121 13.16 -20.75 -15.10
C LEU A 121 12.34 -19.65 -15.75
N ALA A 122 11.91 -18.71 -14.91
CA ALA A 122 11.08 -17.62 -15.36
C ALA A 122 11.71 -16.72 -16.42
N VAL A 123 13.01 -16.47 -16.33
CA VAL A 123 13.69 -15.63 -17.31
C VAL A 123 13.95 -16.32 -18.66
N PRO A 124 14.61 -17.48 -18.64
CA PRO A 124 14.93 -18.22 -19.87
C PRO A 124 13.81 -18.84 -20.71
N LEU A 125 12.78 -19.37 -20.07
CA LEU A 125 11.69 -20.03 -20.81
C LEU A 125 11.09 -19.25 -21.99
N PRO A 126 10.64 -18.01 -21.75
CA PRO A 126 10.05 -17.23 -22.84
C PRO A 126 11.05 -16.90 -23.95
N ILE A 127 12.28 -16.56 -23.56
CA ILE A 127 13.32 -16.22 -24.51
C ILE A 127 13.64 -17.40 -25.41
N ILE A 128 13.87 -18.57 -24.82
CA ILE A 128 14.17 -19.76 -25.61
C ILE A 128 13.03 -20.11 -26.56
N VAL A 129 11.79 -19.90 -26.12
CA VAL A 129 10.63 -20.21 -26.94
C VAL A 129 10.43 -19.22 -28.08
N ILE A 130 10.64 -17.94 -27.83
CA ILE A 130 10.46 -16.94 -28.88
C ILE A 130 11.60 -17.04 -29.91
N SER A 131 12.79 -17.40 -29.46
CA SER A 131 13.95 -17.56 -30.34
C SER A 131 13.64 -18.65 -31.34
N LYS A 132 13.01 -19.72 -30.85
CA LYS A 132 12.64 -20.84 -31.69
C LYS A 132 11.55 -20.44 -32.67
N ILE A 133 10.62 -19.61 -32.21
CA ILE A 133 9.51 -19.13 -33.04
C ILE A 133 10.04 -18.21 -34.14
N LEU A 134 10.96 -17.32 -33.77
CA LEU A 134 11.55 -16.35 -34.70
C LEU A 134 12.70 -16.95 -35.54
N GLY A 135 13.28 -18.05 -35.09
CA GLY A 135 14.37 -18.66 -35.82
C GLY A 135 15.73 -18.08 -35.48
N LEU A 136 15.85 -17.48 -34.28
CA LEU A 136 17.12 -16.87 -33.86
C LEU A 136 17.96 -17.84 -33.05
N PRO A 137 19.30 -17.78 -33.21
CA PRO A 137 20.25 -18.63 -32.49
C PRO A 137 20.08 -18.60 -30.97
N ILE A 138 19.56 -19.68 -30.42
CA ILE A 138 19.33 -19.78 -28.99
C ILE A 138 20.60 -19.47 -28.18
N GLU A 139 21.73 -19.42 -28.87
CA GLU A 139 23.02 -19.14 -28.22
C GLU A 139 23.20 -17.69 -27.84
N ASP A 140 22.36 -16.82 -28.38
CA ASP A 140 22.43 -15.38 -28.07
C ASP A 140 21.37 -15.03 -27.04
N LYS A 141 21.10 -16.02 -26.18
CA LYS A 141 20.15 -15.96 -25.08
C LYS A 141 20.39 -14.76 -24.17
N GLU A 142 21.65 -14.61 -23.73
CA GLU A 142 22.05 -13.52 -22.86
C GLU A 142 21.79 -12.15 -23.50
N LYS A 143 22.07 -12.04 -24.79
CA LYS A 143 21.84 -10.80 -25.51
C LYS A 143 20.35 -10.44 -25.45
N PHE A 144 19.52 -11.40 -25.79
CA PHE A 144 18.08 -11.17 -25.77
C PHE A 144 17.64 -10.73 -24.38
N LYS A 145 18.28 -11.31 -23.36
CA LYS A 145 17.96 -10.97 -21.97
C LYS A 145 18.11 -9.48 -21.69
N GLU A 146 19.22 -8.88 -22.14
CA GLU A 146 19.45 -7.46 -21.90
C GLU A 146 18.63 -6.55 -22.79
N TRP A 147 18.30 -6.99 -23.99
CA TRP A 147 17.51 -6.12 -24.85
C TRP A 147 16.06 -6.14 -24.38
N SER A 148 15.70 -7.20 -23.66
CA SER A 148 14.33 -7.33 -23.17
C SER A 148 13.94 -6.12 -22.32
N ASP A 149 14.93 -5.44 -21.76
CA ASP A 149 14.65 -4.28 -20.94
C ASP A 149 14.04 -3.14 -21.74
N LEU A 150 14.19 -3.19 -23.06
CA LEU A 150 13.68 -2.15 -23.92
C LEU A 150 12.17 -2.19 -24.14
N VAL A 151 11.50 -3.20 -23.58
CA VAL A 151 10.04 -3.30 -23.74
C VAL A 151 9.35 -1.94 -23.56
N ALA A 152 8.36 -1.68 -24.40
CA ALA A 152 7.63 -0.41 -24.42
C ALA A 152 6.93 0.06 -23.14
N PHE A 153 6.55 -0.86 -22.26
CA PHE A 153 5.84 -0.50 -21.02
C PHE A 153 6.74 0.23 -20.04
N ARG A 154 8.05 0.07 -20.19
CA ARG A 154 9.02 0.70 -19.31
C ARG A 154 9.36 2.14 -19.68
N LEU A 155 9.11 3.07 -18.77
CA LEU A 155 9.38 4.50 -19.01
C LEU A 155 10.83 4.89 -18.70
N GLY A 156 11.17 6.14 -18.99
CA GLY A 156 12.53 6.60 -18.77
C GLY A 156 13.02 6.67 -17.34
N LYS A 157 14.32 6.93 -17.20
CA LYS A 157 14.98 7.05 -15.90
C LYS A 157 16.41 7.59 -16.13
N PRO A 158 16.77 8.69 -15.44
CA PRO A 158 18.04 9.42 -15.47
C PRO A 158 19.33 8.66 -15.78
N GLY A 159 20.19 9.33 -16.54
CA GLY A 159 21.48 8.79 -16.92
C GLY A 159 21.48 7.36 -17.38
N GLU A 160 20.63 7.07 -18.36
CA GLU A 160 20.51 5.73 -18.88
C GLU A 160 20.70 5.76 -20.41
N ILE A 161 20.90 6.96 -20.96
CA ILE A 161 21.08 7.16 -22.40
C ILE A 161 22.24 6.40 -23.04
N PHE A 162 23.40 6.38 -22.38
CA PHE A 162 24.56 5.68 -22.93
C PHE A 162 24.34 4.16 -23.00
N GLU A 163 23.74 3.62 -21.95
CA GLU A 163 23.47 2.18 -21.89
C GLU A 163 22.47 1.79 -22.97
N LEU A 164 21.40 2.59 -23.07
CA LEU A 164 20.38 2.34 -24.07
C LEU A 164 20.95 2.45 -25.50
N GLY A 165 21.85 3.40 -25.73
CA GLY A 165 22.45 3.54 -27.04
C GLY A 165 23.21 2.26 -27.36
N LYS A 166 24.02 1.82 -26.40
CA LYS A 166 24.78 0.59 -26.57
C LYS A 166 23.81 -0.54 -26.93
N LYS A 167 22.74 -0.68 -26.15
CA LYS A 167 21.74 -1.73 -26.40
C LYS A 167 21.12 -1.61 -27.78
N TYR A 168 20.71 -0.40 -28.16
CA TYR A 168 20.09 -0.20 -29.46
C TYR A 168 21.03 -0.49 -30.60
N LEU A 169 22.26 -0.01 -30.50
CA LEU A 169 23.22 -0.27 -31.57
C LEU A 169 23.30 -1.79 -31.82
N GLU A 170 23.60 -2.57 -30.79
CA GLU A 170 23.70 -4.02 -30.93
C GLU A 170 22.39 -4.69 -31.34
N LEU A 171 21.27 -4.26 -30.74
CA LEU A 171 19.98 -4.83 -31.06
C LEU A 171 19.72 -4.71 -32.56
N ILE A 172 19.73 -3.47 -33.06
CA ILE A 172 19.49 -3.17 -34.47
C ILE A 172 20.46 -3.93 -35.38
N GLY A 173 21.72 -4.01 -34.96
CA GLY A 173 22.71 -4.71 -35.73
C GLY A 173 22.37 -6.18 -35.81
N TYR A 174 22.14 -6.79 -34.65
CA TYR A 174 21.80 -8.20 -34.59
C TYR A 174 20.63 -8.53 -35.50
N VAL A 175 19.59 -7.70 -35.46
CA VAL A 175 18.41 -7.95 -36.26
C VAL A 175 18.67 -7.83 -37.75
N LYS A 176 19.48 -6.86 -38.16
CA LYS A 176 19.79 -6.70 -39.57
C LYS A 176 20.45 -8.01 -40.04
N ASP A 177 21.48 -8.44 -39.33
CA ASP A 177 22.21 -9.66 -39.67
C ASP A 177 21.39 -10.93 -39.85
N HIS A 178 20.22 -11.01 -39.22
CA HIS A 178 19.43 -12.23 -39.32
C HIS A 178 18.09 -12.10 -40.03
N LEU A 179 17.94 -11.12 -40.91
CA LEU A 179 16.68 -10.92 -41.60
C LEU A 179 16.32 -11.99 -42.65
N ASN A 180 17.31 -12.75 -43.13
CA ASN A 180 17.05 -13.77 -44.14
C ASN A 180 17.37 -15.14 -43.61
N SER A 181 17.67 -15.17 -42.33
CA SER A 181 17.99 -16.40 -41.64
C SER A 181 16.89 -16.59 -40.61
N GLY A 182 15.65 -16.38 -41.04
CA GLY A 182 14.53 -16.53 -40.14
C GLY A 182 13.44 -17.46 -40.64
N THR A 183 12.40 -17.60 -39.83
CA THR A 183 11.26 -18.46 -40.14
C THR A 183 10.23 -17.84 -41.07
N GLU A 184 9.13 -18.54 -41.22
CA GLU A 184 8.05 -18.09 -42.06
C GLU A 184 7.59 -16.70 -41.65
N VAL A 185 7.55 -16.43 -40.35
CA VAL A 185 7.11 -15.12 -39.85
C VAL A 185 7.99 -13.97 -40.31
N VAL A 186 9.30 -14.11 -40.07
CA VAL A 186 10.21 -13.06 -40.47
C VAL A 186 10.15 -12.88 -41.98
N SER A 187 10.06 -14.01 -42.69
CA SER A 187 9.98 -14.00 -44.14
C SER A 187 8.85 -13.08 -44.59
N ARG A 188 7.67 -13.35 -44.04
CA ARG A 188 6.49 -12.57 -44.36
C ARG A 188 6.73 -11.06 -44.19
N VAL A 189 7.40 -10.72 -43.10
CA VAL A 189 7.71 -9.33 -42.81
C VAL A 189 8.76 -8.80 -43.78
N VAL A 190 9.80 -9.59 -44.02
CA VAL A 190 10.85 -9.19 -44.92
C VAL A 190 10.31 -8.98 -46.33
N ASN A 191 9.29 -9.73 -46.69
CA ASN A 191 8.72 -9.60 -48.02
C ASN A 191 7.42 -8.84 -48.05
N SER A 192 7.40 -7.68 -47.40
CA SER A 192 6.19 -6.86 -47.38
C SER A 192 6.52 -5.50 -48.00
N ASN A 193 5.52 -4.64 -48.11
CA ASN A 193 5.71 -3.32 -48.68
C ASN A 193 6.27 -2.37 -47.63
N LEU A 194 6.35 -2.86 -46.40
CA LEU A 194 6.86 -2.07 -45.28
C LEU A 194 8.24 -1.57 -45.60
N SER A 195 8.65 -0.52 -44.89
CA SER A 195 9.98 0.07 -45.06
C SER A 195 10.99 -0.74 -44.23
N ASP A 196 12.27 -0.39 -44.36
CA ASP A 196 13.33 -1.09 -43.63
C ASP A 196 13.22 -0.86 -42.13
N ILE A 197 13.02 0.40 -41.75
CA ILE A 197 12.90 0.78 -40.35
C ILE A 197 11.70 0.03 -39.75
N GLU A 198 10.61 -0.06 -40.50
CA GLU A 198 9.41 -0.75 -40.06
C GLU A 198 9.64 -2.24 -39.88
N LYS A 199 10.40 -2.87 -40.79
CA LYS A 199 10.67 -4.29 -40.69
C LYS A 199 11.50 -4.61 -39.46
N LEU A 200 12.47 -3.74 -39.18
CA LEU A 200 13.33 -3.87 -38.01
C LEU A 200 12.43 -3.79 -36.78
N GLY A 201 11.59 -2.75 -36.76
CA GLY A 201 10.69 -2.55 -35.65
C GLY A 201 9.83 -3.77 -35.42
N TYR A 202 9.20 -4.27 -36.48
CA TYR A 202 8.32 -5.44 -36.40
C TYR A 202 9.00 -6.59 -35.68
N ILE A 203 10.17 -6.96 -36.17
CA ILE A 203 10.92 -8.05 -35.60
C ILE A 203 11.32 -7.80 -34.15
N ILE A 204 11.75 -6.58 -33.83
CA ILE A 204 12.14 -6.31 -32.46
C ILE A 204 10.94 -6.48 -31.54
N LEU A 205 9.79 -5.96 -31.96
CA LEU A 205 8.53 -6.06 -31.19
C LEU A 205 8.23 -7.51 -30.86
N LEU A 206 8.10 -8.34 -31.90
CA LEU A 206 7.82 -9.75 -31.69
C LEU A 206 8.90 -10.34 -30.78
N LEU A 207 10.11 -9.80 -30.86
CA LEU A 207 11.22 -10.31 -30.07
C LEU A 207 11.19 -10.01 -28.58
N ILE A 208 10.93 -8.77 -28.21
CA ILE A 208 10.95 -8.40 -26.80
C ILE A 208 9.61 -8.14 -26.12
N ALA A 209 8.52 -8.12 -26.89
CA ALA A 209 7.19 -7.83 -26.35
C ALA A 209 6.73 -8.71 -25.20
N GLY A 210 7.03 -10.00 -25.24
CA GLY A 210 6.55 -10.87 -24.17
C GLY A 210 7.57 -11.51 -23.24
N ASN A 211 8.82 -11.04 -23.28
CA ASN A 211 9.84 -11.62 -22.43
C ASN A 211 9.67 -11.27 -20.96
N GLU A 212 9.84 -10.00 -20.62
CA GLU A 212 9.69 -9.56 -19.25
C GLU A 212 8.28 -9.81 -18.70
N THR A 213 7.26 -9.57 -19.53
CA THR A 213 5.86 -9.74 -19.12
C THR A 213 5.54 -11.19 -18.74
N THR A 214 5.89 -12.14 -19.61
CA THR A 214 5.64 -13.56 -19.38
C THR A 214 6.47 -14.08 -18.18
N THR A 215 7.67 -13.55 -18.02
CA THR A 215 8.55 -13.92 -16.93
C THR A 215 7.80 -13.51 -15.66
N ASN A 216 7.25 -12.30 -15.65
CA ASN A 216 6.51 -11.79 -14.50
C ASN A 216 5.27 -12.65 -14.18
N LEU A 217 4.64 -13.18 -15.21
CA LEU A 217 3.46 -14.01 -15.04
C LEU A 217 3.82 -15.27 -14.26
N ILE A 218 4.89 -15.91 -14.69
CA ILE A 218 5.36 -17.15 -14.06
C ILE A 218 5.75 -16.93 -12.60
N SER A 219 6.49 -15.86 -12.33
CA SER A 219 6.96 -15.52 -10.98
C SER A 219 5.80 -15.24 -10.02
N ASN A 220 4.90 -14.35 -10.46
CA ASN A 220 3.72 -13.93 -9.71
C ASN A 220 2.85 -15.17 -9.44
N SER A 221 2.85 -16.10 -10.38
CA SER A 221 2.06 -17.30 -10.21
C SER A 221 2.62 -18.13 -9.07
N VAL A 222 3.93 -18.27 -9.04
CA VAL A 222 4.58 -19.05 -7.99
C VAL A 222 4.34 -18.41 -6.62
N ILE A 223 4.50 -17.10 -6.54
CA ILE A 223 4.30 -16.35 -5.31
C ILE A 223 2.88 -16.48 -4.76
N ASP A 224 1.88 -16.31 -5.64
CA ASP A 224 0.48 -16.37 -5.21
C ASP A 224 -0.03 -17.74 -4.77
N PHE A 225 0.30 -18.79 -5.53
CA PHE A 225 -0.13 -20.14 -5.20
C PHE A 225 0.51 -20.52 -3.89
N THR A 226 1.73 -20.06 -3.68
CA THR A 226 2.46 -20.36 -2.46
C THR A 226 1.90 -19.63 -1.26
N ARG A 227 1.77 -18.32 -1.35
CA ARG A 227 1.25 -17.56 -0.22
C ARG A 227 -0.21 -17.80 0.13
N PHE A 228 -0.97 -18.40 -0.77
CA PHE A 228 -2.36 -18.66 -0.50
C PHE A 228 -2.52 -20.16 -0.33
N ASN A 229 -1.40 -20.87 -0.32
CA ASN A 229 -1.39 -22.33 -0.17
C ASN A 229 -2.36 -23.03 -1.12
N LEU A 230 -2.21 -22.79 -2.41
CA LEU A 230 -3.12 -23.39 -3.37
C LEU A 230 -2.55 -24.54 -4.16
N TRP A 231 -1.25 -24.78 -4.04
CA TRP A 231 -0.60 -25.85 -4.81
C TRP A 231 -1.27 -27.24 -4.77
N GLN A 232 -1.55 -27.74 -3.58
CA GLN A 232 -2.19 -29.04 -3.46
C GLN A 232 -3.56 -29.06 -4.13
N ARG A 233 -4.34 -28.03 -3.89
CA ARG A 233 -5.67 -27.93 -4.47
C ARG A 233 -5.59 -27.88 -5.99
N ILE A 234 -4.62 -27.12 -6.50
CA ILE A 234 -4.44 -26.98 -7.94
C ILE A 234 -4.03 -28.28 -8.63
N ARG A 235 -3.21 -29.08 -7.96
CA ARG A 235 -2.76 -30.35 -8.54
C ARG A 235 -3.93 -31.34 -8.43
N GLU A 236 -4.53 -31.37 -7.25
CA GLU A 236 -5.63 -32.27 -6.96
C GLU A 236 -6.87 -32.01 -7.81
N GLU A 237 -7.34 -30.78 -7.85
CA GLU A 237 -8.52 -30.44 -8.66
C GLU A 237 -8.12 -30.09 -10.10
N ASN A 238 -6.81 -30.04 -10.35
CA ASN A 238 -6.33 -29.71 -11.68
C ASN A 238 -6.92 -28.36 -12.16
N LEU A 239 -6.56 -27.29 -11.48
CA LEU A 239 -7.06 -25.94 -11.77
C LEU A 239 -6.04 -25.04 -12.45
N TYR A 240 -5.01 -25.62 -13.07
CA TYR A 240 -3.96 -24.83 -13.72
C TYR A 240 -4.49 -23.73 -14.64
N LEU A 241 -5.36 -24.09 -15.57
CA LEU A 241 -5.91 -23.11 -16.50
C LEU A 241 -6.56 -21.94 -15.75
N LYS A 242 -7.58 -22.23 -14.95
CA LYS A 242 -8.29 -21.21 -14.18
C LYS A 242 -7.39 -20.50 -13.18
N ALA A 243 -6.51 -21.25 -12.52
CA ALA A 243 -5.65 -20.65 -11.53
C ALA A 243 -4.71 -19.61 -12.15
N ILE A 244 -4.28 -19.87 -13.38
CA ILE A 244 -3.37 -18.96 -14.08
C ILE A 244 -4.14 -17.70 -14.49
N GLU A 245 -5.39 -17.89 -14.88
CA GLU A 245 -6.22 -16.75 -15.25
C GLU A 245 -6.46 -15.85 -14.03
N GLU A 246 -6.61 -16.45 -12.84
CA GLU A 246 -6.82 -15.67 -11.62
C GLU A 246 -5.52 -14.92 -11.23
N ALA A 247 -4.38 -15.56 -11.46
CA ALA A 247 -3.08 -14.92 -11.19
C ALA A 247 -2.94 -13.71 -12.13
N LEU A 248 -3.30 -13.90 -13.40
CA LEU A 248 -3.24 -12.81 -14.36
C LEU A 248 -4.08 -11.63 -13.88
N ARG A 249 -5.25 -11.92 -13.31
CA ARG A 249 -6.15 -10.87 -12.80
C ARG A 249 -5.67 -10.17 -11.51
N TYR A 250 -5.21 -10.98 -10.56
CA TYR A 250 -4.78 -10.51 -9.24
C TYR A 250 -3.43 -9.82 -9.20
N SER A 251 -2.47 -10.38 -9.94
CA SER A 251 -1.12 -9.86 -10.03
C SER A 251 -0.77 -9.61 -11.50
N PRO A 252 -1.36 -8.58 -12.09
CA PRO A 252 -1.09 -8.27 -13.50
C PRO A 252 0.33 -7.79 -13.79
N PRO A 253 1.02 -8.46 -14.72
CA PRO A 253 2.40 -8.13 -15.14
C PRO A 253 2.54 -6.70 -15.69
N VAL A 254 1.48 -6.19 -16.32
CA VAL A 254 1.46 -4.82 -16.85
C VAL A 254 0.37 -4.15 -16.02
N MET A 255 0.74 -3.18 -15.19
CA MET A 255 -0.22 -2.51 -14.31
C MET A 255 -1.14 -1.54 -15.02
N ARG A 256 -0.63 -0.88 -16.06
CA ARG A 256 -1.42 0.09 -16.81
C ARG A 256 -0.94 0.23 -18.25
N THR A 257 -1.72 0.96 -19.04
CA THR A 257 -1.37 1.22 -20.42
C THR A 257 -1.89 2.63 -20.70
N VAL A 258 -1.46 3.25 -21.79
CA VAL A 258 -1.88 4.61 -22.11
C VAL A 258 -2.58 4.77 -23.46
N ARG A 259 -3.30 5.88 -23.61
CA ARG A 259 -4.00 6.23 -24.85
C ARG A 259 -3.95 7.76 -24.96
N LYS A 260 -4.22 8.28 -26.16
CA LYS A 260 -4.22 9.73 -26.42
C LYS A 260 -5.55 10.06 -27.10
N THR A 261 -6.24 11.09 -26.61
CA THR A 261 -7.53 11.48 -27.18
C THR A 261 -7.40 12.08 -28.59
N LYS A 262 -7.96 11.36 -29.57
CA LYS A 262 -7.96 11.73 -30.98
C LYS A 262 -8.77 12.98 -31.22
N GLU A 263 -9.55 13.34 -30.21
CA GLU A 263 -10.39 14.51 -30.29
C GLU A 263 -11.19 14.60 -29.01
N ARG A 264 -11.95 15.68 -28.88
CA ARG A 264 -12.77 15.88 -27.69
C ARG A 264 -13.65 14.65 -27.48
N VAL A 265 -13.86 14.27 -26.22
CA VAL A 265 -14.68 13.10 -25.88
C VAL A 265 -15.19 13.14 -24.44
N LYS A 266 -16.33 12.48 -24.21
CA LYS A 266 -16.91 12.43 -22.88
C LYS A 266 -16.88 11.00 -22.35
N LEU A 267 -16.02 10.76 -21.37
CA LEU A 267 -15.90 9.44 -20.74
C LEU A 267 -16.68 9.55 -19.44
N GLY A 268 -17.80 8.84 -19.36
CA GLY A 268 -18.61 8.92 -18.16
C GLY A 268 -19.10 10.34 -17.95
N ASP A 269 -18.81 10.91 -16.79
CA ASP A 269 -19.22 12.27 -16.46
C ASP A 269 -18.21 13.31 -16.89
N GLN A 270 -16.99 12.86 -17.17
CA GLN A 270 -15.91 13.75 -17.58
C GLN A 270 -15.79 13.95 -19.08
N THR A 271 -15.35 15.15 -19.46
CA THR A 271 -15.15 15.46 -20.87
C THR A 271 -13.66 15.66 -21.06
N ILE A 272 -12.97 14.60 -21.43
CA ILE A 272 -11.55 14.70 -21.66
C ILE A 272 -11.42 15.41 -22.99
N GLU A 273 -10.55 16.42 -23.07
CA GLU A 273 -10.35 17.16 -24.30
C GLU A 273 -9.56 16.39 -25.35
N GLU A 274 -9.26 17.06 -26.45
CA GLU A 274 -8.49 16.47 -27.54
C GLU A 274 -7.00 16.53 -27.20
N GLY A 275 -6.27 15.49 -27.58
CA GLY A 275 -4.83 15.47 -27.35
C GLY A 275 -4.35 15.15 -25.94
N GLU A 276 -5.27 14.94 -25.00
CA GLU A 276 -4.88 14.62 -23.64
C GLU A 276 -4.47 13.15 -23.53
N TYR A 277 -3.55 12.87 -22.61
CA TYR A 277 -3.12 11.51 -22.39
C TYR A 277 -4.07 10.90 -21.35
N VAL A 278 -4.47 9.65 -21.57
CA VAL A 278 -5.37 8.97 -20.65
C VAL A 278 -4.73 7.68 -20.17
N ARG A 279 -4.44 7.64 -18.88
CA ARG A 279 -3.83 6.49 -18.23
C ARG A 279 -4.95 5.50 -17.88
N VAL A 280 -4.80 4.26 -18.33
CA VAL A 280 -5.79 3.23 -18.07
C VAL A 280 -5.22 2.20 -17.09
N TRP A 281 -5.71 2.24 -15.85
CA TRP A 281 -5.24 1.33 -14.79
C TRP A 281 -5.81 -0.09 -14.89
N ILE A 282 -5.08 -0.94 -15.60
CA ILE A 282 -5.50 -2.32 -15.77
C ILE A 282 -5.62 -3.05 -14.42
N ALA A 283 -4.64 -2.85 -13.54
CA ALA A 283 -4.62 -3.49 -12.21
C ALA A 283 -5.89 -3.17 -11.42
N SER A 284 -6.39 -1.94 -11.54
CA SER A 284 -7.60 -1.50 -10.85
C SER A 284 -8.85 -2.16 -11.44
N ALA A 285 -9.07 -1.94 -12.72
CA ALA A 285 -10.22 -2.51 -13.42
C ALA A 285 -10.40 -3.99 -13.05
N ASN A 286 -9.27 -4.69 -12.92
CA ASN A 286 -9.28 -6.11 -12.62
C ASN A 286 -9.82 -6.45 -11.23
N ARG A 287 -10.02 -5.44 -10.39
CA ARG A 287 -10.54 -5.69 -9.05
C ARG A 287 -11.91 -5.04 -8.91
N ASP A 288 -12.45 -4.60 -10.04
CA ASP A 288 -13.76 -3.95 -10.07
C ASP A 288 -14.81 -4.90 -9.49
N GLU A 289 -15.43 -4.47 -8.38
CA GLU A 289 -16.43 -5.27 -7.68
C GLU A 289 -17.75 -5.43 -8.41
N GLU A 290 -18.13 -4.45 -9.21
CA GLU A 290 -19.37 -4.55 -9.97
C GLU A 290 -19.22 -5.75 -10.92
N VAL A 291 -18.03 -5.89 -11.48
CA VAL A 291 -17.75 -6.97 -12.41
C VAL A 291 -17.18 -8.19 -11.71
N PHE A 292 -16.28 -7.99 -10.77
CA PHE A 292 -15.69 -9.12 -10.07
C PHE A 292 -16.15 -9.22 -8.61
N HIS A 293 -17.07 -10.14 -8.34
CA HIS A 293 -17.57 -10.34 -6.99
C HIS A 293 -16.43 -10.91 -6.13
N ASP A 294 -16.22 -10.32 -4.95
CA ASP A 294 -15.15 -10.75 -4.06
C ASP A 294 -13.82 -10.58 -4.80
N GLY A 295 -13.67 -9.45 -5.49
CA GLY A 295 -12.48 -9.18 -6.26
C GLY A 295 -11.15 -9.08 -5.51
N GLU A 296 -11.21 -8.77 -4.22
CA GLU A 296 -10.00 -8.62 -3.40
C GLU A 296 -9.45 -9.97 -2.97
N LYS A 297 -10.21 -11.02 -3.21
CA LYS A 297 -9.80 -12.37 -2.84
C LYS A 297 -9.29 -13.14 -4.03
N PHE A 298 -8.36 -14.04 -3.76
CA PHE A 298 -7.81 -14.86 -4.81
C PHE A 298 -8.58 -16.18 -4.86
N ILE A 299 -9.51 -16.26 -5.80
CA ILE A 299 -10.34 -17.45 -5.99
C ILE A 299 -9.76 -18.22 -7.17
N PRO A 300 -9.09 -19.35 -6.90
CA PRO A 300 -8.46 -20.19 -7.92
C PRO A 300 -9.34 -20.84 -8.99
N ASP A 301 -10.64 -20.96 -8.74
CA ASP A 301 -11.50 -21.56 -9.75
C ASP A 301 -12.51 -20.55 -10.27
N ARG A 302 -12.16 -19.27 -10.20
CA ARG A 302 -13.04 -18.20 -10.70
C ARG A 302 -13.40 -18.50 -12.13
N ASN A 303 -14.65 -18.24 -12.50
CA ASN A 303 -15.08 -18.53 -13.86
C ASN A 303 -16.49 -18.06 -14.14
N PRO A 304 -16.69 -17.29 -15.22
CA PRO A 304 -15.60 -16.88 -16.13
C PRO A 304 -14.70 -15.89 -15.40
N ASN A 305 -13.72 -15.36 -16.11
CA ASN A 305 -12.78 -14.43 -15.52
C ASN A 305 -12.35 -13.47 -16.63
N PRO A 306 -13.19 -12.48 -16.94
CA PRO A 306 -12.92 -11.50 -18.01
C PRO A 306 -11.95 -10.38 -17.69
N HIS A 307 -10.77 -10.73 -17.18
CA HIS A 307 -9.76 -9.73 -16.82
C HIS A 307 -9.21 -8.99 -18.05
N LEU A 308 -8.55 -7.86 -17.82
CA LEU A 308 -7.99 -7.07 -18.91
C LEU A 308 -6.46 -7.02 -18.90
N SER A 309 -5.83 -8.08 -18.39
CA SER A 309 -4.38 -8.11 -18.32
C SER A 309 -3.67 -8.17 -19.67
N PHE A 310 -4.36 -8.65 -20.69
CA PHE A 310 -3.77 -8.73 -22.03
C PHE A 310 -4.33 -7.60 -22.86
N GLY A 311 -5.07 -6.72 -22.20
CA GLY A 311 -5.69 -5.60 -22.87
C GLY A 311 -7.06 -6.00 -23.39
N SER A 312 -7.59 -5.20 -24.30
CA SER A 312 -8.91 -5.45 -24.90
C SER A 312 -9.00 -4.68 -26.20
N GLY A 313 -9.82 -5.15 -27.13
CA GLY A 313 -9.95 -4.45 -28.39
C GLY A 313 -9.04 -4.95 -29.50
N ILE A 314 -8.67 -4.07 -30.41
CA ILE A 314 -7.82 -4.47 -31.53
C ILE A 314 -6.39 -4.74 -31.11
N HIS A 315 -5.93 -4.16 -30.00
CA HIS A 315 -4.55 -4.39 -29.58
C HIS A 315 -4.36 -5.52 -28.58
N LEU A 316 -5.46 -6.21 -28.23
CA LEU A 316 -5.38 -7.33 -27.28
C LEU A 316 -4.11 -8.09 -27.60
N CYS A 317 -3.27 -8.26 -26.58
CA CYS A 317 -1.97 -8.92 -26.72
C CYS A 317 -1.84 -10.02 -27.75
N LEU A 318 -0.98 -9.81 -28.75
CA LEU A 318 -0.73 -10.79 -29.82
C LEU A 318 -0.25 -12.17 -29.31
N GLY A 319 0.57 -12.17 -28.26
CA GLY A 319 1.06 -13.43 -27.74
C GLY A 319 0.35 -14.05 -26.54
N ALA A 320 -0.83 -13.55 -26.21
CA ALA A 320 -1.59 -14.08 -25.07
C ALA A 320 -1.67 -15.63 -25.01
N PRO A 321 -2.10 -16.28 -26.10
CA PRO A 321 -2.18 -17.76 -26.06
C PRO A 321 -0.82 -18.41 -25.86
N LEU A 322 0.22 -17.78 -26.36
CA LEU A 322 1.57 -18.32 -26.20
C LEU A 322 1.88 -18.19 -24.73
N ALA A 323 1.73 -16.97 -24.22
CA ALA A 323 1.98 -16.63 -22.84
C ALA A 323 1.23 -17.62 -21.93
N ARG A 324 -0.04 -17.83 -22.21
CA ARG A 324 -0.82 -18.74 -21.39
C ARG A 324 -0.27 -20.14 -21.49
N LEU A 325 -0.04 -20.57 -22.73
CA LEU A 325 0.47 -21.89 -22.99
C LEU A 325 1.79 -22.11 -22.26
N GLU A 326 2.62 -21.08 -22.21
CA GLU A 326 3.93 -21.16 -21.57
C GLU A 326 3.85 -21.22 -20.05
N ALA A 327 3.04 -20.37 -19.46
CA ALA A 327 2.89 -20.33 -18.01
C ALA A 327 2.29 -21.65 -17.54
N ARG A 328 1.22 -22.09 -18.20
CA ARG A 328 0.58 -23.33 -17.81
C ARG A 328 1.52 -24.54 -17.75
N ILE A 329 2.31 -24.76 -18.80
CA ILE A 329 3.23 -25.88 -18.82
C ILE A 329 4.32 -25.77 -17.73
N ALA A 330 4.83 -24.57 -17.54
CA ALA A 330 5.86 -24.37 -16.52
C ALA A 330 5.27 -24.74 -15.16
N ILE A 331 4.12 -24.17 -14.83
CA ILE A 331 3.47 -24.44 -13.55
C ILE A 331 3.13 -25.92 -13.36
N GLU A 332 2.57 -26.55 -14.38
CA GLU A 332 2.25 -27.97 -14.30
C GLU A 332 3.52 -28.75 -13.96
N GLU A 333 4.50 -28.64 -14.86
CA GLU A 333 5.78 -29.34 -14.68
C GLU A 333 6.45 -29.00 -13.34
N PHE A 334 6.33 -27.76 -12.89
CA PHE A 334 6.92 -27.33 -11.63
C PHE A 334 6.23 -28.04 -10.45
N SER A 335 4.90 -27.99 -10.41
CA SER A 335 4.12 -28.62 -9.33
C SER A 335 4.29 -30.13 -9.23
N LYS A 336 4.74 -30.74 -10.32
CA LYS A 336 4.94 -32.19 -10.33
C LYS A 336 6.28 -32.59 -9.72
N ARG A 337 7.33 -31.81 -9.99
CA ARG A 337 8.67 -32.09 -9.48
C ARG A 337 8.89 -31.86 -7.98
N PHE A 338 8.71 -30.63 -7.53
CA PHE A 338 8.90 -30.32 -6.13
C PHE A 338 7.62 -30.65 -5.33
N ARG A 339 7.78 -31.24 -4.14
CA ARG A 339 6.65 -31.62 -3.27
C ARG A 339 6.14 -30.47 -2.43
N HIS A 340 7.04 -29.65 -1.92
CA HIS A 340 6.69 -28.50 -1.08
C HIS A 340 7.62 -27.36 -1.48
N ILE A 341 7.14 -26.13 -1.37
CA ILE A 341 7.94 -24.96 -1.74
C ILE A 341 8.08 -23.96 -0.60
N GLU A 342 9.32 -23.61 -0.30
CA GLU A 342 9.62 -22.67 0.76
C GLU A 342 10.21 -21.41 0.15
N ILE A 343 9.58 -20.27 0.40
CA ILE A 343 10.06 -19.01 -0.15
C ILE A 343 11.14 -18.39 0.73
N LEU A 344 12.41 -18.52 0.34
CA LEU A 344 13.51 -18.00 1.12
C LEU A 344 13.78 -16.49 0.94
N ASP A 345 13.80 -15.99 -0.30
CA ASP A 345 14.08 -14.57 -0.53
C ASP A 345 13.46 -14.01 -1.82
N THR A 346 13.09 -12.72 -1.80
CA THR A 346 12.49 -12.06 -2.96
C THR A 346 12.91 -10.60 -3.18
N GLU A 347 13.16 -10.25 -4.45
CA GLU A 347 13.53 -8.88 -4.82
C GLU A 347 12.58 -8.47 -5.95
N LYS A 348 11.67 -7.54 -5.67
CA LYS A 348 10.70 -7.11 -6.67
C LYS A 348 11.28 -6.16 -7.68
N VAL A 349 10.85 -6.27 -8.94
CA VAL A 349 11.35 -5.34 -9.95
C VAL A 349 10.82 -3.97 -9.57
N PRO A 350 11.69 -2.95 -9.61
CA PRO A 350 11.29 -1.59 -9.25
C PRO A 350 10.79 -0.75 -10.44
N ASN A 351 9.59 -1.05 -10.91
CA ASN A 351 8.99 -0.32 -12.02
C ASN A 351 7.54 0.00 -11.67
N GLU A 352 7.02 1.10 -12.21
CA GLU A 352 5.64 1.50 -11.93
C GLU A 352 4.63 0.82 -12.84
N VAL A 353 5.10 0.31 -13.97
CA VAL A 353 4.22 -0.35 -14.93
C VAL A 353 4.37 -1.87 -14.91
N LEU A 354 5.60 -2.35 -14.88
CA LEU A 354 5.85 -3.79 -14.88
C LEU A 354 5.87 -4.30 -13.44
N ASN A 355 4.95 -5.22 -13.16
CA ASN A 355 4.77 -5.81 -11.84
C ASN A 355 5.30 -7.22 -11.78
N GLY A 356 6.46 -7.40 -11.19
CA GLY A 356 7.06 -8.71 -11.10
C GLY A 356 8.25 -8.77 -10.17
N TYR A 357 9.05 -9.83 -10.29
CA TYR A 357 10.19 -10.03 -9.41
C TYR A 357 11.57 -10.11 -10.07
N LYS A 358 12.57 -9.55 -9.38
CA LYS A 358 13.96 -9.57 -9.85
C LYS A 358 14.62 -10.87 -9.38
N ARG A 359 14.28 -11.27 -8.16
CA ARG A 359 14.84 -12.49 -7.59
C ARG A 359 13.77 -13.22 -6.79
N LEU A 360 13.79 -14.55 -6.88
CA LEU A 360 12.85 -15.39 -6.17
C LEU A 360 13.55 -16.65 -5.68
N VAL A 361 14.15 -16.57 -4.49
CA VAL A 361 14.87 -17.70 -3.92
C VAL A 361 13.98 -18.64 -3.13
N VAL A 362 14.03 -19.92 -3.49
CA VAL A 362 13.20 -20.93 -2.87
C VAL A 362 13.94 -22.22 -2.55
N ARG A 363 13.43 -22.92 -1.55
CA ARG A 363 13.97 -24.21 -1.14
C ARG A 363 12.84 -25.20 -1.45
N LEU A 364 13.10 -26.13 -2.37
CA LEU A 364 12.09 -27.11 -2.76
C LEU A 364 12.38 -28.52 -2.25
N LYS A 365 11.32 -29.27 -1.97
CA LYS A 365 11.45 -30.64 -1.51
C LYS A 365 11.07 -31.55 -2.68
N SER A 366 12.05 -32.20 -3.30
CA SER A 366 11.76 -33.07 -4.44
C SER A 366 10.74 -34.15 -4.07
N MET B 1 -9.23 4.10 49.67
CA MET B 1 -7.80 3.76 49.40
C MET B 1 -6.91 4.98 49.54
N TYR B 2 -5.60 4.75 49.50
CA TYR B 2 -4.65 5.84 49.60
C TYR B 2 -4.29 6.26 48.17
N ASP B 3 -4.47 7.56 47.91
CA ASP B 3 -4.18 8.13 46.60
C ASP B 3 -2.95 9.03 46.69
N TRP B 4 -1.84 8.52 46.20
CA TRP B 4 -0.60 9.27 46.22
C TRP B 4 -0.69 10.61 45.48
N PHE B 5 -1.37 10.61 44.33
CA PHE B 5 -1.54 11.82 43.52
C PHE B 5 -2.17 12.96 44.32
N SER B 6 -3.20 12.64 45.10
CA SER B 6 -3.88 13.65 45.92
C SER B 6 -2.91 14.19 46.97
N GLU B 7 -2.15 13.29 47.57
CA GLU B 7 -1.18 13.65 48.59
C GLU B 7 -0.20 14.68 48.04
N MET B 8 0.32 14.38 46.85
CA MET B 8 1.28 15.25 46.19
C MET B 8 0.69 16.58 45.72
N ARG B 9 -0.57 16.57 45.31
CA ARG B 9 -1.23 17.80 44.87
C ARG B 9 -1.32 18.74 46.06
N LYS B 10 -1.40 18.14 47.25
CA LYS B 10 -1.49 18.89 48.50
C LYS B 10 -0.10 19.30 48.96
N LYS B 11 0.81 18.33 49.03
CA LYS B 11 2.17 18.57 49.50
C LYS B 11 3.16 19.19 48.51
N ASP B 12 3.39 18.54 47.36
CA ASP B 12 4.34 19.07 46.39
C ASP B 12 3.85 18.98 44.94
N PRO B 13 3.03 19.95 44.51
CA PRO B 13 2.49 20.00 43.15
C PRO B 13 3.59 19.79 42.11
N VAL B 14 4.63 20.61 42.15
CA VAL B 14 5.77 20.43 41.27
C VAL B 14 6.79 19.94 42.30
N TYR B 15 7.29 18.73 42.10
CA TYR B 15 8.20 18.12 43.04
C TYR B 15 9.43 17.47 42.44
N TYR B 16 10.58 17.68 43.08
CA TYR B 16 11.84 17.12 42.64
C TYR B 16 12.14 15.89 43.48
N ASP B 17 12.36 14.76 42.81
CA ASP B 17 12.63 13.51 43.52
C ASP B 17 14.08 13.09 43.43
N GLY B 18 14.94 13.97 42.92
CA GLY B 18 16.34 13.62 42.79
C GLY B 18 16.83 13.69 41.37
N ASN B 19 16.24 12.91 40.47
CA ASN B 19 16.68 12.95 39.07
C ASN B 19 15.76 13.73 38.13
N ILE B 20 14.46 13.78 38.41
CA ILE B 20 13.54 14.52 37.56
C ILE B 20 12.47 15.30 38.32
N TRP B 21 11.84 16.22 37.60
CA TRP B 21 10.77 17.04 38.15
C TRP B 21 9.42 16.46 37.73
N GLN B 22 8.48 16.42 38.68
CA GLN B 22 7.16 15.89 38.42
C GLN B 22 6.13 16.94 38.77
N VAL B 23 5.14 17.10 37.90
CA VAL B 23 4.08 18.07 38.11
C VAL B 23 2.78 17.31 38.36
N PHE B 24 2.03 17.72 39.37
CA PHE B 24 0.80 17.03 39.73
C PHE B 24 -0.50 17.82 39.60
N SER B 25 -0.43 19.14 39.56
CA SER B 25 -1.65 19.93 39.52
C SER B 25 -2.05 20.33 38.11
N TYR B 26 -3.32 20.70 37.97
CA TYR B 26 -3.89 21.12 36.69
C TYR B 26 -3.23 22.42 36.21
N ARG B 27 -3.07 23.36 37.14
CA ARG B 27 -2.49 24.66 36.83
C ARG B 27 -1.11 24.58 36.18
N TYR B 28 -0.21 23.85 36.80
CA TYR B 28 1.14 23.74 36.29
C TYR B 28 1.32 22.78 35.13
N THR B 29 0.47 21.75 35.05
CA THR B 29 0.58 20.79 33.95
C THR B 29 0.21 21.57 32.70
N LYS B 30 -0.90 22.30 32.81
CA LYS B 30 -1.41 23.13 31.72
C LYS B 30 -0.32 24.09 31.26
N GLU B 31 0.34 24.72 32.22
CA GLU B 31 1.40 25.66 31.92
C GLU B 31 2.60 25.01 31.26
N VAL B 32 2.99 23.84 31.74
CA VAL B 32 4.15 23.17 31.16
C VAL B 32 3.82 22.78 29.73
N LEU B 33 2.61 22.29 29.51
CA LEU B 33 2.22 21.88 28.17
C LEU B 33 2.02 23.06 27.23
N ASN B 34 1.45 24.14 27.75
CA ASN B 34 1.20 25.30 26.90
C ASN B 34 2.40 26.17 26.54
N ASN B 35 3.39 26.29 27.43
CA ASN B 35 4.57 27.12 27.17
C ASN B 35 5.74 26.37 26.51
N PHE B 36 5.73 26.34 25.17
CA PHE B 36 6.77 25.65 24.42
C PHE B 36 8.12 26.38 24.36
N SER B 37 8.10 27.70 24.45
CA SER B 37 9.35 28.42 24.39
C SER B 37 10.19 28.11 25.63
N LYS B 38 9.54 27.62 26.68
CA LYS B 38 10.24 27.27 27.93
C LYS B 38 10.31 25.77 28.19
N PHE B 39 9.24 25.04 27.86
CA PHE B 39 9.22 23.59 28.06
C PHE B 39 9.20 22.95 26.69
N SER B 40 10.39 22.63 26.21
CA SER B 40 10.59 22.04 24.89
C SER B 40 10.23 20.56 24.75
N SER B 41 9.88 20.16 23.53
CA SER B 41 9.55 18.78 23.19
C SER B 41 10.68 18.19 22.34
N ASP B 42 11.71 19.00 22.11
CA ASP B 42 12.89 18.62 21.34
C ASP B 42 13.78 17.70 22.17
N LEU B 43 13.34 16.48 22.41
CA LEU B 43 14.12 15.54 23.24
C LEU B 43 15.00 14.54 22.51
N THR B 44 14.93 14.51 21.19
CA THR B 44 15.70 13.54 20.41
C THR B 44 16.73 14.11 19.44
N GLY B 45 16.97 15.41 19.51
CA GLY B 45 17.97 16.02 18.64
C GLY B 45 17.51 16.31 17.23
N TYR B 46 16.21 16.52 17.07
CA TYR B 46 15.63 16.81 15.76
C TYR B 46 16.10 18.15 15.19
N HIS B 47 15.97 19.21 15.98
CA HIS B 47 16.37 20.55 15.54
C HIS B 47 17.85 20.68 15.20
N GLU B 48 18.71 20.08 16.03
CA GLU B 48 20.16 20.13 15.82
C GLU B 48 20.62 19.39 14.57
N ARG B 49 19.95 18.30 14.24
CA ARG B 49 20.29 17.49 13.09
C ARG B 49 19.42 17.77 11.88
N LEU B 50 18.53 18.74 12.01
CA LEU B 50 17.62 19.07 10.92
C LEU B 50 18.41 19.27 9.64
N GLU B 51 19.38 20.17 9.69
CA GLU B 51 20.21 20.48 8.55
C GLU B 51 20.93 19.28 7.95
N ASP B 52 21.70 18.56 8.76
CA ASP B 52 22.43 17.41 8.25
C ASP B 52 21.51 16.30 7.79
N LEU B 53 20.23 16.38 8.19
CA LEU B 53 19.27 15.35 7.79
C LEU B 53 18.83 15.66 6.37
N ARG B 54 18.42 16.90 6.16
CA ARG B 54 17.98 17.33 4.85
C ARG B 54 19.14 17.54 3.86
N ASN B 55 20.36 17.22 4.27
CA ASN B 55 21.54 17.41 3.43
C ASN B 55 22.34 16.15 3.14
N GLY B 56 21.78 14.99 3.45
CA GLY B 56 22.47 13.74 3.18
C GLY B 56 23.69 13.49 4.05
N LYS B 57 24.00 14.39 4.98
CA LYS B 57 25.15 14.17 5.85
C LYS B 57 24.86 12.98 6.75
N ILE B 58 23.61 12.92 7.24
CA ILE B 58 23.19 11.81 8.08
C ILE B 58 22.61 10.80 7.12
N ARG B 59 23.28 9.65 6.98
CA ARG B 59 22.83 8.60 6.07
C ARG B 59 21.78 7.68 6.70
N PHE B 60 21.99 7.28 7.95
CA PHE B 60 21.04 6.41 8.62
C PHE B 60 20.80 6.84 10.07
N ASP B 61 19.61 6.52 10.58
CA ASP B 61 19.23 6.82 11.96
C ASP B 61 17.81 6.33 12.22
N ILE B 62 17.42 6.29 13.49
CA ILE B 62 16.09 5.84 13.85
C ILE B 62 15.08 6.90 13.40
N PRO B 63 14.18 6.54 12.47
CA PRO B 63 13.18 7.47 11.95
C PRO B 63 12.24 8.04 12.99
N THR B 64 11.91 7.25 14.00
CA THR B 64 10.97 7.74 15.01
C THR B 64 11.53 8.79 15.94
N ARG B 65 12.82 9.13 15.82
CA ARG B 65 13.32 10.20 16.66
C ARG B 65 13.03 11.52 15.98
N TYR B 66 12.55 11.45 14.74
CA TYR B 66 12.28 12.64 13.97
C TYR B 66 10.85 12.79 13.47
N THR B 67 9.92 13.07 14.38
CA THR B 67 8.53 13.27 14.01
C THR B 67 8.05 14.56 14.70
N MET B 68 6.86 15.04 14.35
CA MET B 68 6.34 16.28 14.95
C MET B 68 6.22 16.18 16.47
N LEU B 69 6.06 14.98 16.98
CA LEU B 69 5.93 14.75 18.42
C LEU B 69 7.10 15.40 19.17
N THR B 70 8.32 15.16 18.68
CA THR B 70 9.51 15.71 19.35
C THR B 70 10.11 16.92 18.64
N SER B 71 9.31 17.94 18.41
CA SER B 71 9.83 19.14 17.76
C SER B 71 9.06 20.35 18.23
N ASP B 72 9.75 21.48 18.28
CA ASP B 72 9.12 22.74 18.69
C ASP B 72 8.94 23.56 17.44
N PRO B 73 8.17 24.65 17.53
CA PRO B 73 8.00 25.45 16.32
C PRO B 73 9.34 26.13 16.02
N PRO B 74 9.56 26.53 14.77
CA PRO B 74 8.66 26.39 13.60
C PRO B 74 8.58 25.01 12.95
N LEU B 75 9.57 24.16 13.18
CA LEU B 75 9.59 22.81 12.60
C LEU B 75 8.27 22.10 12.83
N HIS B 76 7.82 22.07 14.07
CA HIS B 76 6.58 21.40 14.40
C HIS B 76 5.45 21.81 13.47
N ASP B 77 5.22 23.12 13.35
CA ASP B 77 4.16 23.65 12.51
C ASP B 77 4.30 23.24 11.05
N GLU B 78 5.51 23.31 10.50
CA GLU B 78 5.71 22.90 9.11
C GLU B 78 5.22 21.47 8.99
N LEU B 79 5.63 20.64 9.94
CA LEU B 79 5.27 19.24 9.94
C LEU B 79 3.78 18.98 10.11
N ARG B 80 3.21 19.49 11.20
CA ARG B 80 1.81 19.27 11.48
C ARG B 80 0.86 19.81 10.42
N SER B 81 1.23 20.91 9.78
CA SER B 81 0.40 21.53 8.75
C SER B 81 0.20 20.62 7.54
N MET B 82 1.11 19.67 7.35
CA MET B 82 1.02 18.75 6.24
C MET B 82 -0.13 17.75 6.35
N SER B 83 -0.61 17.50 7.57
CA SER B 83 -1.70 16.56 7.77
C SER B 83 -2.85 16.99 8.69
N ALA B 84 -2.83 18.22 9.16
CA ALA B 84 -3.90 18.68 10.04
C ALA B 84 -5.28 18.45 9.41
N ASP B 85 -5.31 18.42 8.07
CA ASP B 85 -6.53 18.21 7.25
C ASP B 85 -7.24 16.90 7.52
N ILE B 86 -6.58 15.81 7.14
CA ILE B 86 -7.15 14.47 7.28
C ILE B 86 -7.97 14.29 8.54
N PHE B 87 -7.57 14.94 9.62
CA PHE B 87 -8.27 14.80 10.89
C PHE B 87 -9.10 16.03 11.26
N SER B 88 -9.89 16.49 10.30
CA SER B 88 -10.74 17.67 10.45
C SER B 88 -12.16 17.29 10.89
N PRO B 89 -13.07 18.27 10.95
CA PRO B 89 -14.42 17.89 11.36
C PRO B 89 -15.10 17.02 10.32
N GLN B 90 -15.25 17.57 9.12
CA GLN B 90 -15.94 16.84 8.06
C GLN B 90 -15.11 15.85 7.26
N LYS B 91 -13.80 15.93 7.32
CA LYS B 91 -13.02 14.95 6.55
C LYS B 91 -13.32 13.61 7.19
N LEU B 92 -13.37 13.61 8.52
CA LEU B 92 -13.65 12.41 9.28
C LEU B 92 -15.11 11.97 9.17
N GLN B 93 -16.02 12.95 9.07
CA GLN B 93 -17.45 12.67 8.96
C GLN B 93 -17.75 11.62 7.89
N THR B 94 -17.07 11.74 6.76
CA THR B 94 -17.28 10.80 5.67
C THR B 94 -16.94 9.36 6.05
N LEU B 95 -16.21 9.20 7.14
CA LEU B 95 -15.82 7.87 7.60
C LEU B 95 -16.79 7.20 8.59
N GLU B 96 -17.78 7.95 9.07
CA GLU B 96 -18.76 7.41 10.04
C GLU B 96 -19.30 6.07 9.59
N THR B 97 -19.88 6.07 8.40
CA THR B 97 -20.45 4.87 7.83
C THR B 97 -19.47 3.72 7.84
N PHE B 98 -18.24 3.97 7.41
CA PHE B 98 -17.22 2.94 7.39
C PHE B 98 -16.94 2.41 8.80
N ILE B 99 -16.73 3.34 9.74
CA ILE B 99 -16.45 2.98 11.13
C ILE B 99 -17.65 2.19 11.69
N ARG B 100 -18.84 2.74 11.53
CA ARG B 100 -20.04 2.10 12.02
C ARG B 100 -20.18 0.69 11.44
N GLU B 101 -19.99 0.58 10.13
CA GLU B 101 -20.07 -0.71 9.45
C GLU B 101 -18.98 -1.65 9.96
N THR B 102 -17.76 -1.13 10.12
CA THR B 102 -16.64 -1.95 10.62
C THR B 102 -16.90 -2.39 12.07
N THR B 103 -17.37 -1.46 12.89
CA THR B 103 -17.66 -1.78 14.29
C THR B 103 -18.68 -2.90 14.28
N ARG B 104 -19.76 -2.71 13.52
CA ARG B 104 -20.83 -3.70 13.45
C ARG B 104 -20.34 -5.12 13.14
N SER B 105 -19.42 -5.25 12.20
CA SER B 105 -18.90 -6.55 11.83
C SER B 105 -18.02 -7.14 12.93
N LEU B 106 -17.23 -6.29 13.58
CA LEU B 106 -16.37 -6.77 14.65
C LEU B 106 -17.23 -7.38 15.75
N LEU B 107 -18.42 -6.81 15.97
CA LEU B 107 -19.34 -7.30 17.01
C LEU B 107 -19.94 -8.66 16.70
N ASP B 108 -20.28 -8.88 15.43
CA ASP B 108 -20.84 -10.16 14.99
C ASP B 108 -19.91 -11.29 15.37
N SER B 109 -18.60 -10.98 15.40
CA SER B 109 -17.58 -11.98 15.73
C SER B 109 -17.53 -12.34 17.21
N ILE B 110 -18.24 -11.59 18.04
CA ILE B 110 -18.22 -11.87 19.46
C ILE B 110 -19.18 -12.97 19.90
N ASP B 111 -18.69 -13.84 20.78
CA ASP B 111 -19.49 -14.95 21.33
C ASP B 111 -20.14 -14.43 22.60
N PRO B 112 -21.47 -14.28 22.60
CA PRO B 112 -22.17 -13.77 23.78
C PRO B 112 -21.86 -14.56 25.03
N ARG B 113 -21.75 -15.88 24.91
CA ARG B 113 -21.49 -16.73 26.07
C ARG B 113 -20.33 -16.24 26.93
N GLU B 114 -19.17 -16.04 26.32
CA GLU B 114 -17.98 -15.57 27.03
C GLU B 114 -17.02 -15.13 25.94
N ASP B 115 -16.46 -13.94 26.08
CA ASP B 115 -15.53 -13.45 25.08
C ASP B 115 -14.72 -12.25 25.56
N ASP B 116 -13.62 -12.01 24.87
CA ASP B 116 -12.73 -10.92 25.20
C ASP B 116 -12.95 -9.75 24.26
N ILE B 117 -13.64 -8.71 24.73
CA ILE B 117 -13.92 -7.57 23.88
C ILE B 117 -12.66 -6.83 23.45
N VAL B 118 -11.59 -6.97 24.21
CA VAL B 118 -10.35 -6.31 23.83
C VAL B 118 -9.90 -6.92 22.51
N LYS B 119 -9.78 -8.24 22.50
CA LYS B 119 -9.36 -8.98 21.32
C LYS B 119 -10.31 -8.85 20.12
N LYS B 120 -11.61 -9.03 20.34
CA LYS B 120 -12.56 -8.98 19.24
C LYS B 120 -13.01 -7.61 18.78
N LEU B 121 -12.83 -6.59 19.61
CA LEU B 121 -13.29 -5.27 19.18
C LEU B 121 -12.37 -4.09 19.45
N ALA B 122 -11.93 -3.95 20.69
CA ALA B 122 -11.09 -2.84 21.09
C ALA B 122 -9.79 -2.68 20.27
N VAL B 123 -9.07 -3.78 20.05
CA VAL B 123 -7.82 -3.75 19.28
C VAL B 123 -7.99 -3.57 17.75
N PRO B 124 -8.85 -4.39 17.09
CA PRO B 124 -9.04 -4.25 15.64
C PRO B 124 -9.60 -2.93 15.10
N LEU B 125 -10.66 -2.41 15.68
CA LEU B 125 -11.27 -1.19 15.16
C LEU B 125 -10.31 -0.05 14.77
N PRO B 126 -9.43 0.36 15.69
CA PRO B 126 -8.49 1.46 15.38
C PRO B 126 -7.52 1.16 14.24
N ILE B 127 -6.97 -0.04 14.24
CA ILE B 127 -6.01 -0.42 13.19
C ILE B 127 -6.68 -0.45 11.83
N ILE B 128 -7.87 -1.04 11.75
CA ILE B 128 -8.60 -1.11 10.49
C ILE B 128 -8.89 0.30 9.98
N VAL B 129 -9.26 1.20 10.88
CA VAL B 129 -9.57 2.56 10.48
C VAL B 129 -8.35 3.36 10.02
N ILE B 130 -7.23 3.23 10.72
CA ILE B 130 -6.04 3.99 10.33
C ILE B 130 -5.42 3.44 9.03
N SER B 131 -5.60 2.14 8.78
CA SER B 131 -5.07 1.51 7.56
C SER B 131 -5.85 2.10 6.39
N LYS B 132 -7.14 2.31 6.60
CA LYS B 132 -7.98 2.89 5.57
C LYS B 132 -7.52 4.32 5.23
N ILE B 133 -7.20 5.12 6.24
CA ILE B 133 -6.74 6.51 6.02
C ILE B 133 -5.36 6.57 5.37
N LEU B 134 -4.54 5.58 5.71
CA LEU B 134 -3.17 5.50 5.22
C LEU B 134 -3.13 4.73 3.89
N GLY B 135 -4.17 3.94 3.63
CA GLY B 135 -4.23 3.17 2.41
C GLY B 135 -3.47 1.86 2.44
N LEU B 136 -3.25 1.32 3.64
CA LEU B 136 -2.53 0.05 3.79
C LEU B 136 -3.48 -1.14 3.85
N PRO B 137 -2.98 -2.33 3.48
CA PRO B 137 -3.72 -3.60 3.47
C PRO B 137 -4.28 -4.07 4.82
N ILE B 138 -5.61 -4.13 4.93
CA ILE B 138 -6.23 -4.56 6.16
C ILE B 138 -5.80 -5.98 6.57
N GLU B 139 -5.30 -6.74 5.60
CA GLU B 139 -4.86 -8.11 5.84
C GLU B 139 -3.59 -8.18 6.69
N ASP B 140 -2.88 -7.06 6.75
CA ASP B 140 -1.63 -6.96 7.50
C ASP B 140 -1.84 -6.48 8.94
N LYS B 141 -3.09 -6.35 9.39
CA LYS B 141 -3.32 -5.85 10.74
C LYS B 141 -2.46 -6.47 11.84
N GLU B 142 -2.31 -7.80 11.85
CA GLU B 142 -1.50 -8.44 12.90
C GLU B 142 -0.08 -7.92 12.96
N LYS B 143 0.47 -7.52 11.82
CA LYS B 143 1.82 -6.99 11.79
C LYS B 143 1.77 -5.58 12.37
N PHE B 144 0.68 -4.87 12.10
CA PHE B 144 0.53 -3.53 12.64
C PHE B 144 0.43 -3.60 14.18
N LYS B 145 -0.33 -4.58 14.67
CA LYS B 145 -0.50 -4.77 16.10
C LYS B 145 0.87 -5.08 16.69
N GLU B 146 1.55 -6.05 16.09
CA GLU B 146 2.88 -6.43 16.56
C GLU B 146 3.78 -5.20 16.68
N TRP B 147 3.79 -4.36 15.65
CA TRP B 147 4.65 -3.18 15.68
C TRP B 147 4.19 -2.13 16.67
N SER B 148 2.88 -2.05 16.89
CA SER B 148 2.36 -1.07 17.84
C SER B 148 2.88 -1.47 19.22
N ASP B 149 2.72 -2.73 19.57
CA ASP B 149 3.17 -3.24 20.86
C ASP B 149 4.67 -3.01 21.01
N LEU B 150 5.38 -3.25 19.92
CA LEU B 150 6.83 -3.06 19.88
C LEU B 150 7.17 -1.64 20.30
N VAL B 151 6.75 -0.68 19.48
CA VAL B 151 7.02 0.73 19.76
C VAL B 151 5.97 1.34 20.66
N LEU B 164 17.80 -0.93 18.00
CA LEU B 164 17.59 -1.17 16.59
C LEU B 164 17.55 -2.69 16.49
N GLY B 165 16.40 -3.25 16.12
CA GLY B 165 16.31 -4.70 16.04
C GLY B 165 15.67 -5.18 14.76
N LYS B 166 15.51 -6.50 14.65
CA LYS B 166 14.91 -7.10 13.47
C LYS B 166 13.50 -6.57 13.27
N LYS B 167 12.70 -6.62 14.31
CA LYS B 167 11.32 -6.16 14.27
C LYS B 167 11.18 -4.70 13.84
N TYR B 168 12.02 -3.84 14.43
CA TYR B 168 11.99 -2.42 14.09
C TYR B 168 12.40 -2.29 12.63
N LEU B 169 13.44 -3.03 12.25
CA LEU B 169 13.95 -3.02 10.88
C LEU B 169 12.84 -3.42 9.92
N GLU B 170 12.12 -4.49 10.26
CA GLU B 170 11.04 -4.97 9.43
C GLU B 170 9.96 -3.90 9.24
N LEU B 171 9.72 -3.09 10.27
CA LEU B 171 8.73 -2.02 10.18
C LEU B 171 9.19 -0.97 9.17
N ILE B 172 10.46 -0.58 9.25
CA ILE B 172 11.03 0.39 8.32
C ILE B 172 10.83 -0.13 6.90
N GLY B 173 11.19 -1.40 6.69
CA GLY B 173 11.03 -2.01 5.39
C GLY B 173 9.60 -1.99 4.87
N TYR B 174 8.65 -2.34 5.73
CA TYR B 174 7.26 -2.34 5.33
C TYR B 174 6.76 -0.96 4.90
N VAL B 175 7.10 0.07 5.65
CA VAL B 175 6.65 1.42 5.31
C VAL B 175 7.32 1.89 4.01
N LYS B 176 8.58 1.52 3.81
CA LYS B 176 9.28 1.93 2.61
C LYS B 176 8.54 1.36 1.41
N ASP B 177 8.24 0.07 1.48
CA ASP B 177 7.53 -0.63 0.42
C ASP B 177 6.14 -0.08 0.15
N HIS B 178 5.60 0.70 1.08
CA HIS B 178 4.25 1.22 0.90
C HIS B 178 4.12 2.72 0.76
N LEU B 179 5.22 3.38 0.43
CA LEU B 179 5.22 4.82 0.23
C LEU B 179 4.39 5.18 -1.00
N ASN B 180 4.03 4.17 -1.78
CA ASN B 180 3.23 4.37 -2.99
C ASN B 180 1.76 4.03 -2.69
N SER B 181 1.35 4.24 -1.43
CA SER B 181 -0.02 3.95 -1.00
C SER B 181 -1.06 4.63 -1.91
N GLY B 182 -0.80 5.89 -2.24
CA GLY B 182 -1.70 6.63 -3.11
C GLY B 182 -2.66 7.58 -2.42
N THR B 183 -2.84 7.43 -1.10
CA THR B 183 -3.76 8.28 -0.35
C THR B 183 -3.26 9.71 -0.12
N GLU B 184 -4.19 10.63 0.08
CA GLU B 184 -3.82 12.02 0.28
C GLU B 184 -2.67 12.13 1.26
N VAL B 185 -2.90 11.67 2.49
CA VAL B 185 -1.89 11.70 3.55
C VAL B 185 -0.49 11.29 3.11
N VAL B 186 -0.35 10.03 2.73
CA VAL B 186 0.92 9.48 2.30
C VAL B 186 1.51 10.35 1.19
N SER B 187 0.67 10.67 0.19
CA SER B 187 1.03 11.50 -0.96
C SER B 187 1.67 12.82 -0.51
N ARG B 188 0.96 13.52 0.37
CA ARG B 188 1.40 14.77 0.92
C ARG B 188 2.82 14.66 1.47
N VAL B 189 3.11 13.56 2.15
CA VAL B 189 4.42 13.35 2.76
C VAL B 189 5.52 12.99 1.76
N VAL B 190 5.20 12.08 0.84
CA VAL B 190 6.16 11.62 -0.16
C VAL B 190 6.60 12.74 -1.09
N ASN B 191 5.69 13.61 -1.45
CA ASN B 191 5.99 14.73 -2.34
C ASN B 191 6.42 15.98 -1.58
N SER B 192 7.13 15.80 -0.48
CA SER B 192 7.57 16.95 0.28
C SER B 192 9.09 17.01 0.32
N ASN B 193 9.60 18.08 0.91
CA ASN B 193 11.04 18.31 1.02
C ASN B 193 11.69 17.57 2.18
N LEU B 194 10.88 16.87 2.97
CA LEU B 194 11.39 16.12 4.12
C LEU B 194 12.41 15.11 3.65
N SER B 195 13.31 14.74 4.54
CA SER B 195 14.32 13.74 4.20
C SER B 195 13.65 12.35 4.23
N ASP B 196 14.31 11.35 3.69
CA ASP B 196 13.76 9.99 3.67
C ASP B 196 13.52 9.53 5.10
N ILE B 197 14.42 9.90 6.01
CA ILE B 197 14.28 9.52 7.40
C ILE B 197 13.03 10.17 7.99
N GLU B 198 12.83 11.46 7.73
CA GLU B 198 11.65 12.16 8.26
C GLU B 198 10.34 11.61 7.66
N LYS B 199 10.37 11.29 6.37
CA LYS B 199 9.19 10.77 5.68
C LYS B 199 8.73 9.47 6.33
N LEU B 200 9.68 8.57 6.56
CA LEU B 200 9.40 7.28 7.17
C LEU B 200 8.85 7.47 8.59
N GLY B 201 9.48 8.37 9.34
CA GLY B 201 9.06 8.65 10.72
C GLY B 201 7.67 9.23 10.83
N TYR B 202 7.29 10.05 9.87
CA TYR B 202 5.97 10.68 9.83
C TYR B 202 4.85 9.65 9.67
N ILE B 203 5.01 8.74 8.70
CA ILE B 203 4.01 7.70 8.45
C ILE B 203 3.93 6.73 9.64
N ILE B 204 5.09 6.32 10.14
CA ILE B 204 5.11 5.41 11.29
C ILE B 204 4.36 6.04 12.48
N LEU B 205 4.56 7.34 12.67
CA LEU B 205 3.90 8.04 13.76
C LEU B 205 2.40 7.94 13.55
N LEU B 206 1.95 8.37 12.38
CA LEU B 206 0.53 8.34 12.09
C LEU B 206 -0.02 6.93 12.17
N LEU B 207 0.81 5.95 11.86
CA LEU B 207 0.37 4.56 11.89
C LEU B 207 0.25 3.97 13.29
N ILE B 208 1.13 4.34 14.20
CA ILE B 208 1.08 3.77 15.52
C ILE B 208 0.53 4.66 16.63
N ALA B 209 0.72 5.97 16.47
CA ALA B 209 0.30 6.93 17.49
C ALA B 209 -1.04 6.73 18.18
N GLY B 210 -2.05 6.28 17.45
CA GLY B 210 -3.34 6.11 18.10
C GLY B 210 -3.94 4.72 18.24
N ASN B 211 -3.13 3.68 18.12
CA ASN B 211 -3.70 2.35 18.23
C ASN B 211 -3.94 1.89 19.66
N GLU B 212 -2.88 1.72 20.45
CA GLU B 212 -3.04 1.27 21.83
C GLU B 212 -3.84 2.26 22.68
N THR B 213 -3.67 3.56 22.40
CA THR B 213 -4.35 4.59 23.15
C THR B 213 -5.87 4.56 22.94
N THR B 214 -6.29 4.47 21.69
CA THR B 214 -7.72 4.44 21.39
C THR B 214 -8.33 3.11 21.87
N THR B 215 -7.56 2.04 21.79
CA THR B 215 -8.02 0.74 22.26
C THR B 215 -8.26 0.87 23.76
N ASN B 216 -7.29 1.46 24.46
CA ASN B 216 -7.37 1.67 25.91
C ASN B 216 -8.59 2.51 26.28
N LEU B 217 -8.93 3.48 25.44
CA LEU B 217 -10.10 4.33 25.70
C LEU B 217 -11.39 3.52 25.56
N ILE B 218 -11.46 2.65 24.57
CA ILE B 218 -12.66 1.83 24.38
C ILE B 218 -12.78 0.87 25.57
N SER B 219 -11.67 0.21 25.89
CA SER B 219 -11.62 -0.73 26.99
C SER B 219 -12.01 -0.11 28.31
N ASN B 220 -11.35 0.99 28.65
CA ASN B 220 -11.59 1.70 29.91
C ASN B 220 -13.04 2.17 30.07
N SER B 221 -13.68 2.49 28.95
CA SER B 221 -15.05 2.94 28.98
C SER B 221 -16.00 1.81 29.32
N VAL B 222 -15.81 0.67 28.67
CA VAL B 222 -16.66 -0.49 28.92
C VAL B 222 -16.58 -0.83 30.40
N ILE B 223 -15.38 -0.76 30.95
CA ILE B 223 -15.13 -1.06 32.36
C ILE B 223 -15.82 -0.07 33.32
N ASP B 224 -15.59 1.22 33.07
CA ASP B 224 -16.16 2.26 33.91
C ASP B 224 -17.68 2.25 33.89
N PHE B 225 -18.25 2.23 32.69
CA PHE B 225 -19.70 2.22 32.57
C PHE B 225 -20.33 1.04 33.30
N THR B 226 -19.63 -0.09 33.29
CA THR B 226 -20.11 -1.31 33.93
C THR B 226 -19.97 -1.22 35.43
N ARG B 227 -18.78 -0.86 35.92
CA ARG B 227 -18.55 -0.74 37.35
C ARG B 227 -19.50 0.23 38.05
N PHE B 228 -19.70 1.39 37.44
CA PHE B 228 -20.58 2.41 38.01
C PHE B 228 -21.99 2.16 37.56
N ASN B 229 -22.15 1.12 36.76
CA ASN B 229 -23.46 0.74 36.28
C ASN B 229 -24.16 1.91 35.64
N LEU B 230 -23.62 2.40 34.53
CA LEU B 230 -24.20 3.56 33.86
C LEU B 230 -24.80 3.28 32.49
N TRP B 231 -24.59 2.06 31.98
CA TRP B 231 -25.07 1.70 30.65
C TRP B 231 -26.49 2.17 30.35
N GLN B 232 -27.40 1.91 31.30
CA GLN B 232 -28.80 2.28 31.17
C GLN B 232 -29.03 3.79 31.08
N ARG B 233 -28.41 4.55 31.98
CA ARG B 233 -28.54 6.00 31.99
C ARG B 233 -28.04 6.57 30.66
N ILE B 234 -26.88 6.09 30.22
CA ILE B 234 -26.29 6.56 28.99
C ILE B 234 -27.24 6.26 27.84
N ARG B 235 -27.80 5.05 27.86
CA ARG B 235 -28.74 4.59 26.85
C ARG B 235 -29.98 5.48 26.76
N GLU B 236 -30.71 5.61 27.85
CA GLU B 236 -31.92 6.41 27.86
C GLU B 236 -31.71 7.90 27.67
N GLU B 237 -30.66 8.44 28.29
CA GLU B 237 -30.35 9.86 28.22
C GLU B 237 -29.43 10.25 27.07
N ASN B 238 -29.01 9.27 26.28
CA ASN B 238 -28.12 9.54 25.15
C ASN B 238 -26.92 10.35 25.64
N LEU B 239 -26.26 9.85 26.67
CA LEU B 239 -25.09 10.51 27.29
C LEU B 239 -23.74 10.12 26.70
N TYR B 240 -23.75 9.45 25.55
CA TYR B 240 -22.54 9.00 24.87
C TYR B 240 -21.38 9.99 24.76
N LEU B 241 -21.67 11.20 24.29
CA LEU B 241 -20.65 12.23 24.14
C LEU B 241 -20.03 12.60 25.48
N LYS B 242 -20.91 12.99 26.41
CA LYS B 242 -20.53 13.42 27.75
C LYS B 242 -19.86 12.32 28.57
N ALA B 243 -20.45 11.12 28.52
CA ALA B 243 -19.92 9.99 29.27
C ALA B 243 -18.53 9.56 28.82
N ILE B 244 -18.25 9.67 27.52
CA ILE B 244 -16.94 9.31 27.01
C ILE B 244 -15.90 10.37 27.40
N GLU B 245 -16.32 11.63 27.47
CA GLU B 245 -15.38 12.66 27.89
C GLU B 245 -15.00 12.36 29.36
N GLU B 246 -15.97 11.93 30.16
CA GLU B 246 -15.68 11.62 31.56
C GLU B 246 -14.78 10.40 31.67
N ALA B 247 -14.93 9.42 30.76
CA ALA B 247 -14.05 8.25 30.79
C ALA B 247 -12.63 8.71 30.50
N LEU B 248 -12.48 9.66 29.60
CA LEU B 248 -11.15 10.18 29.26
C LEU B 248 -10.54 10.87 30.46
N ARG B 249 -11.36 11.62 31.20
CA ARG B 249 -10.83 12.33 32.37
C ARG B 249 -10.51 11.35 33.50
N TYR B 250 -11.46 10.49 33.82
CA TYR B 250 -11.34 9.51 34.89
C TYR B 250 -10.30 8.38 34.68
N SER B 251 -10.20 7.88 33.45
CA SER B 251 -9.24 6.81 33.13
C SER B 251 -8.45 7.16 31.87
N PRO B 252 -7.50 8.11 31.96
CA PRO B 252 -6.73 8.48 30.77
C PRO B 252 -5.81 7.41 30.19
N PRO B 253 -5.94 7.13 28.87
CA PRO B 253 -5.11 6.13 28.18
C PRO B 253 -3.64 6.48 28.31
N VAL B 254 -3.34 7.77 28.30
CA VAL B 254 -1.98 8.25 28.44
C VAL B 254 -1.95 8.98 29.77
N MET B 255 -1.18 8.46 30.72
CA MET B 255 -1.13 9.03 32.06
C MET B 255 -0.17 10.18 32.27
N ARG B 256 0.81 10.29 31.39
CA ARG B 256 1.78 11.37 31.53
C ARG B 256 2.55 11.59 30.24
N THR B 257 3.32 12.66 30.23
CA THR B 257 4.18 13.01 29.11
C THR B 257 5.33 13.84 29.68
N VAL B 258 6.29 14.24 28.86
CA VAL B 258 7.42 14.97 29.40
C VAL B 258 7.87 16.17 28.57
N ARG B 259 8.60 17.09 29.21
CA ARG B 259 9.15 18.28 28.55
C ARG B 259 10.58 18.45 29.04
N LYS B 260 11.36 19.22 28.31
CA LYS B 260 12.75 19.50 28.65
C LYS B 260 12.82 21.03 28.77
N THR B 261 13.36 21.53 29.88
CA THR B 261 13.44 22.98 30.06
C THR B 261 14.47 23.64 29.15
N LYS B 262 14.02 24.64 28.39
CA LYS B 262 14.91 25.35 27.47
C LYS B 262 15.78 26.33 28.27
N GLU B 263 15.30 26.74 29.44
CA GLU B 263 16.03 27.65 30.31
C GLU B 263 15.53 27.56 31.76
N ARG B 264 16.23 28.21 32.69
CA ARG B 264 15.79 28.17 34.08
C ARG B 264 14.46 28.92 34.15
N VAL B 265 13.47 28.31 34.78
CA VAL B 265 12.14 28.92 34.88
C VAL B 265 11.50 28.64 36.23
N LYS B 266 10.63 29.56 36.66
CA LYS B 266 9.94 29.42 37.95
C LYS B 266 8.58 28.80 37.75
N LEU B 267 8.37 27.60 38.28
CA LEU B 267 7.08 26.94 38.15
C LEU B 267 6.47 26.88 39.55
N GLY B 268 5.44 27.66 39.77
CA GLY B 268 4.83 27.69 41.09
C GLY B 268 5.75 28.48 41.99
N ASP B 269 6.35 27.79 42.96
CA ASP B 269 7.27 28.43 43.89
C ASP B 269 8.66 27.88 43.62
N GLN B 270 8.70 26.88 42.75
CA GLN B 270 9.94 26.22 42.38
C GLN B 270 10.59 26.84 41.16
N THR B 271 11.92 26.77 41.16
CA THR B 271 12.71 27.29 40.06
C THR B 271 13.42 26.08 39.47
N ILE B 272 13.12 25.80 38.20
CA ILE B 272 13.71 24.66 37.50
C ILE B 272 14.85 25.14 36.62
N GLU B 273 15.96 24.39 36.61
CA GLU B 273 17.12 24.75 35.82
C GLU B 273 16.94 24.31 34.38
N GLU B 274 17.79 24.82 33.50
CA GLU B 274 17.71 24.45 32.10
C GLU B 274 18.23 23.02 31.93
N GLY B 275 17.76 22.33 30.89
CA GLY B 275 18.20 20.97 30.64
C GLY B 275 17.62 19.93 31.56
N GLU B 276 16.57 20.29 32.28
CA GLU B 276 15.94 19.35 33.19
C GLU B 276 14.68 18.78 32.58
N TYR B 277 14.45 17.50 32.84
CA TYR B 277 13.27 16.85 32.33
C TYR B 277 12.10 17.12 33.29
N VAL B 278 10.99 17.62 32.76
CA VAL B 278 9.80 17.87 33.58
C VAL B 278 8.68 16.92 33.14
N ARG B 279 8.32 15.99 34.03
CA ARG B 279 7.26 15.05 33.72
C ARG B 279 5.94 15.58 34.25
N VAL B 280 4.93 15.63 33.39
CA VAL B 280 3.65 16.13 33.84
C VAL B 280 2.67 14.96 33.90
N TRP B 281 2.01 14.83 35.05
CA TRP B 281 1.06 13.74 35.24
C TRP B 281 -0.36 14.12 34.82
N ILE B 282 -0.71 13.79 33.58
CA ILE B 282 -2.04 14.07 33.06
C ILE B 282 -3.13 13.41 33.93
N ALA B 283 -2.86 12.21 34.40
CA ALA B 283 -3.82 11.47 35.22
C ALA B 283 -4.15 12.17 36.55
N SER B 284 -3.15 12.78 37.17
CA SER B 284 -3.34 13.47 38.43
C SER B 284 -4.03 14.83 38.16
N ALA B 285 -3.61 15.52 37.10
CA ALA B 285 -4.21 16.82 36.77
C ALA B 285 -5.71 16.73 36.50
N ASN B 286 -6.14 15.60 35.92
CA ASN B 286 -7.54 15.37 35.59
C ASN B 286 -8.41 15.15 36.84
N ARG B 287 -7.76 14.98 37.98
CA ARG B 287 -8.46 14.76 39.24
C ARG B 287 -8.31 15.96 40.18
N ASP B 288 -7.73 17.04 39.69
CA ASP B 288 -7.51 18.23 40.49
C ASP B 288 -8.82 18.83 41.03
N GLU B 289 -8.88 18.91 42.35
CA GLU B 289 -10.04 19.43 43.08
C GLU B 289 -10.39 20.88 42.73
N GLU B 290 -9.37 21.72 42.59
CA GLU B 290 -9.61 23.13 42.26
C GLU B 290 -10.35 23.23 40.93
N VAL B 291 -10.06 22.31 40.01
CA VAL B 291 -10.69 22.38 38.72
C VAL B 291 -11.85 21.43 38.57
N PHE B 292 -11.72 20.24 39.11
CA PHE B 292 -12.80 19.26 38.98
C PHE B 292 -13.45 18.98 40.32
N HIS B 293 -14.57 19.67 40.57
CA HIS B 293 -15.30 19.46 41.80
C HIS B 293 -15.76 18.01 41.75
N ASP B 294 -15.55 17.30 42.86
CA ASP B 294 -15.91 15.89 42.96
C ASP B 294 -15.16 15.07 41.91
N GLY B 295 -13.89 15.41 41.69
CA GLY B 295 -13.08 14.72 40.69
C GLY B 295 -12.85 13.24 40.91
N GLU B 296 -13.04 12.78 42.14
CA GLU B 296 -12.84 11.37 42.45
C GLU B 296 -14.09 10.58 42.06
N LYS B 297 -15.14 11.29 41.69
CA LYS B 297 -16.39 10.67 41.28
C LYS B 297 -16.52 10.63 39.78
N PHE B 298 -17.22 9.62 39.29
CA PHE B 298 -17.44 9.50 37.87
C PHE B 298 -18.82 10.10 37.61
N ILE B 299 -18.85 11.29 37.02
CA ILE B 299 -20.09 12.00 36.69
C ILE B 299 -20.25 12.01 35.17
N PRO B 300 -21.06 11.08 34.62
CA PRO B 300 -21.33 10.91 33.18
C PRO B 300 -21.77 12.16 32.43
N ASP B 301 -22.45 13.06 33.12
CA ASP B 301 -22.91 14.28 32.48
C ASP B 301 -22.09 15.51 32.90
N ARG B 302 -20.86 15.29 33.35
CA ARG B 302 -20.00 16.40 33.73
C ARG B 302 -19.91 17.33 32.53
N ASN B 303 -20.09 18.61 32.79
CA ASN B 303 -20.08 19.61 31.71
C ASN B 303 -19.93 21.03 32.26
N PRO B 304 -18.88 21.77 31.83
CA PRO B 304 -17.82 21.40 30.88
C PRO B 304 -16.88 20.34 31.46
N ASN B 305 -15.97 19.83 30.63
CA ASN B 305 -15.01 18.81 31.05
C ASN B 305 -13.65 19.07 30.42
N PRO B 306 -12.95 20.13 30.88
CA PRO B 306 -11.62 20.51 30.38
C PRO B 306 -10.46 19.59 30.74
N HIS B 307 -10.63 18.28 30.56
CA HIS B 307 -9.56 17.35 30.88
C HIS B 307 -8.37 17.57 29.93
N LEU B 308 -7.22 17.01 30.27
CA LEU B 308 -6.00 17.15 29.48
C LEU B 308 -5.52 15.81 28.89
N SER B 309 -6.45 14.87 28.67
CA SER B 309 -6.10 13.53 28.17
C SER B 309 -5.51 13.46 26.76
N PHE B 310 -5.82 14.46 25.94
CA PHE B 310 -5.29 14.55 24.60
C PHE B 310 -4.19 15.62 24.63
N GLY B 311 -3.87 16.09 25.83
CA GLY B 311 -2.85 17.12 25.95
C GLY B 311 -3.42 18.52 25.92
N SER B 312 -2.60 19.47 25.51
CA SER B 312 -3.02 20.88 25.43
C SER B 312 -1.93 21.66 24.69
N GLY B 313 -2.31 22.77 24.06
CA GLY B 313 -1.31 23.55 23.36
C GLY B 313 -1.07 23.06 21.94
N ILE B 314 0.10 23.41 21.38
CA ILE B 314 0.41 23.03 20.02
C ILE B 314 0.52 21.54 19.72
N HIS B 315 0.77 20.71 20.73
CA HIS B 315 0.88 19.28 20.49
C HIS B 315 -0.42 18.52 20.76
N LEU B 316 -1.48 19.25 21.10
CA LEU B 316 -2.78 18.65 21.38
C LEU B 316 -3.01 17.51 20.37
N CYS B 317 -3.26 16.30 20.86
CA CYS B 317 -3.44 15.12 20.01
C CYS B 317 -4.05 15.35 18.62
N LEU B 318 -3.26 15.09 17.56
CA LEU B 318 -3.70 15.28 16.17
C LEU B 318 -4.93 14.41 15.86
N GLY B 319 -4.97 13.22 16.46
CA GLY B 319 -6.09 12.31 16.23
C GLY B 319 -7.27 12.38 17.22
N ALA B 320 -7.34 13.44 18.03
CA ALA B 320 -8.41 13.59 19.00
C ALA B 320 -9.80 13.42 18.39
N PRO B 321 -10.12 14.17 17.32
CA PRO B 321 -11.43 14.04 16.68
C PRO B 321 -11.73 12.59 16.27
N LEU B 322 -10.73 11.94 15.69
CA LEU B 322 -10.85 10.56 15.23
C LEU B 322 -11.16 9.60 16.38
N ALA B 323 -10.34 9.69 17.44
CA ALA B 323 -10.50 8.80 18.59
C ALA B 323 -11.89 8.95 19.21
N ARG B 324 -12.34 10.19 19.32
CA ARG B 324 -13.66 10.43 19.89
C ARG B 324 -14.75 9.80 19.02
N LEU B 325 -14.60 9.91 17.70
CA LEU B 325 -15.58 9.34 16.77
C LEU B 325 -15.67 7.83 16.85
N GLU B 326 -14.52 7.16 16.80
CA GLU B 326 -14.48 5.70 16.89
C GLU B 326 -15.02 5.20 18.23
N ALA B 327 -14.52 5.80 19.30
CA ALA B 327 -14.93 5.40 20.64
C ALA B 327 -16.43 5.55 20.76
N ARG B 328 -16.96 6.69 20.31
CA ARG B 328 -18.38 6.93 20.38
C ARG B 328 -19.19 5.92 19.60
N ILE B 329 -18.78 5.69 18.35
CA ILE B 329 -19.47 4.74 17.50
C ILE B 329 -19.36 3.34 18.07
N ALA B 330 -18.19 2.96 18.53
CA ALA B 330 -18.02 1.62 19.08
C ALA B 330 -18.87 1.40 20.33
N ILE B 331 -18.97 2.41 21.19
CA ILE B 331 -19.76 2.27 22.42
C ILE B 331 -21.25 2.29 22.10
N GLU B 332 -21.64 3.20 21.21
CA GLU B 332 -23.03 3.32 20.78
C GLU B 332 -23.53 1.95 20.32
N GLU B 333 -22.84 1.39 19.33
CA GLU B 333 -23.21 0.10 18.78
C GLU B 333 -23.16 -1.04 19.80
N PHE B 334 -22.16 -1.03 20.67
CA PHE B 334 -22.03 -2.08 21.69
C PHE B 334 -23.23 -2.08 22.64
N SER B 335 -23.65 -0.89 23.05
CA SER B 335 -24.78 -0.74 23.97
C SER B 335 -26.15 -1.10 23.40
N LYS B 336 -26.28 -1.04 22.06
CA LYS B 336 -27.55 -1.38 21.41
C LYS B 336 -27.67 -2.89 21.19
N ARG B 337 -26.57 -3.60 21.32
CA ARG B 337 -26.58 -5.05 21.11
C ARG B 337 -26.84 -5.84 22.38
N PHE B 338 -26.18 -5.45 23.46
CA PHE B 338 -26.34 -6.12 24.73
C PHE B 338 -27.25 -5.31 25.65
N ARG B 339 -28.13 -6.01 26.37
CA ARG B 339 -29.03 -5.34 27.30
C ARG B 339 -28.49 -5.56 28.71
N HIS B 340 -27.40 -6.31 28.81
CA HIS B 340 -26.77 -6.60 30.10
C HIS B 340 -25.34 -7.13 29.94
N ILE B 341 -24.39 -6.48 30.60
CA ILE B 341 -22.99 -6.88 30.49
C ILE B 341 -22.39 -7.21 31.85
N GLU B 342 -21.46 -8.15 31.88
CA GLU B 342 -20.82 -8.49 33.14
C GLU B 342 -19.39 -8.98 32.95
N ILE B 343 -18.48 -8.40 33.72
CA ILE B 343 -17.06 -8.74 33.65
C ILE B 343 -16.77 -10.04 34.38
N LEU B 344 -16.09 -10.96 33.71
CA LEU B 344 -15.77 -12.24 34.34
C LEU B 344 -14.30 -12.30 34.69
N ASP B 345 -13.48 -11.63 33.88
CA ASP B 345 -12.05 -11.61 34.13
C ASP B 345 -11.42 -10.38 33.48
N THR B 346 -10.22 -10.02 33.93
CA THR B 346 -9.51 -8.85 33.43
C THR B 346 -7.99 -8.96 33.60
N GLU B 347 -7.24 -8.25 32.77
CA GLU B 347 -5.78 -8.25 32.88
C GLU B 347 -5.25 -6.92 32.42
N LYS B 348 -4.62 -6.18 33.32
CA LYS B 348 -4.11 -4.88 32.94
C LYS B 348 -2.74 -4.97 32.35
N VAL B 349 -2.55 -4.26 31.23
CA VAL B 349 -1.25 -4.23 30.57
C VAL B 349 -0.29 -3.47 31.48
N PRO B 350 0.77 -4.15 31.95
CA PRO B 350 1.76 -3.52 32.83
C PRO B 350 2.65 -2.50 32.12
N ASN B 351 2.21 -1.24 32.13
CA ASN B 351 2.93 -0.13 31.53
C ASN B 351 2.81 1.02 32.53
N GLU B 352 3.63 2.05 32.37
CA GLU B 352 3.58 3.18 33.29
C GLU B 352 3.15 4.47 32.59
N VAL B 353 2.92 4.38 31.28
CA VAL B 353 2.49 5.54 30.49
C VAL B 353 1.13 5.28 29.88
N LEU B 354 0.97 4.08 29.33
CA LEU B 354 -0.26 3.67 28.69
C LEU B 354 -1.11 2.91 29.69
N ASN B 355 -2.29 3.43 29.97
CA ASN B 355 -3.22 2.87 30.93
C ASN B 355 -4.39 2.14 30.23
N GLY B 356 -4.39 0.81 30.26
CA GLY B 356 -5.44 0.04 29.62
C GLY B 356 -5.42 -1.44 29.96
N TYR B 357 -6.17 -2.24 29.19
CA TYR B 357 -6.27 -3.68 29.44
C TYR B 357 -5.74 -4.61 28.37
N LYS B 358 -5.14 -5.70 28.80
CA LYS B 358 -4.61 -6.72 27.92
C LYS B 358 -5.77 -7.64 27.54
N ARG B 359 -6.64 -7.93 28.50
CA ARG B 359 -7.79 -8.80 28.29
C ARG B 359 -9.04 -8.27 29.00
N LEU B 360 -10.20 -8.50 28.40
CA LEU B 360 -11.46 -8.07 28.99
C LEU B 360 -12.56 -9.07 28.65
N VAL B 361 -12.63 -10.13 29.47
CA VAL B 361 -13.61 -11.17 29.26
C VAL B 361 -14.92 -10.77 29.87
N VAL B 362 -15.94 -10.71 29.03
CA VAL B 362 -17.26 -10.34 29.46
C VAL B 362 -18.21 -11.46 29.11
N ARG B 363 -19.46 -11.28 29.54
CA ARG B 363 -20.53 -12.21 29.25
C ARG B 363 -21.65 -11.25 28.97
N LEU B 364 -22.31 -11.41 27.83
CA LEU B 364 -23.40 -10.52 27.46
C LEU B 364 -24.68 -11.31 27.23
N LYS B 365 -25.74 -10.91 27.94
CA LYS B 365 -27.05 -11.57 27.84
C LYS B 365 -28.18 -10.53 27.67
N SER B 366 -29.07 -10.75 26.70
CA SER B 366 -30.17 -9.83 26.44
C SER B 366 -31.51 -10.31 27.01
CHA HEM C . 0.19 -6.11 -26.56
CHB HEM C . 0.28 -7.76 -22.03
CHC HEM C . 2.97 -11.51 -23.44
CHD HEM C . 3.25 -9.68 -27.94
C1A HEM C . -0.08 -6.27 -25.17
C2A HEM C . -1.02 -5.45 -24.35
C3A HEM C . -0.92 -5.86 -23.03
C4A HEM C . -0.01 -7.01 -23.10
CMA HEM C . -1.48 -5.13 -21.79
CAA HEM C . -1.94 -4.35 -24.89
CBA HEM C . -1.27 -2.99 -25.03
CGA HEM C . -2.25 -1.88 -25.38
O1A HEM C . -3.40 -2.19 -25.77
O2A HEM C . -1.88 -0.68 -25.29
C1B HEM C . 1.08 -8.86 -22.02
C2B HEM C . 1.15 -9.76 -20.87
C3B HEM C . 1.89 -10.81 -21.29
C4B HEM C . 2.27 -10.58 -22.65
CMB HEM C . 0.49 -9.54 -19.49
CAB HEM C . 2.24 -11.98 -20.60
CBB HEM C . 1.54 -12.49 -19.50
C1C HEM C . 3.22 -11.36 -24.80
C2C HEM C . 3.93 -12.35 -25.64
C3C HEM C . 4.09 -11.79 -26.86
C4C HEM C . 3.44 -10.48 -26.82
CMC HEM C . 4.41 -13.76 -25.22
CAC HEM C . 4.65 -12.45 -27.96
CBC HEM C . 5.60 -11.91 -28.83
C1D HEM C . 2.48 -8.52 -27.96
C2D HEM C . 2.28 -7.70 -29.16
C3D HEM C . 1.35 -6.75 -28.79
C4D HEM C . 1.03 -6.95 -27.37
CMD HEM C . 2.91 -7.95 -30.55
CAD HEM C . 0.73 -5.69 -29.65
CBD HEM C . -0.60 -6.11 -30.22
CGD HEM C . -1.20 -5.05 -31.12
O1D HEM C . -2.02 -5.40 -32.00
O2D HEM C . -0.83 -3.86 -30.95
NA HEM C . 0.51 -7.27 -24.39
NB HEM C . 1.72 -9.39 -23.11
NC HEM C . 2.87 -10.23 -25.55
ND HEM C . 1.74 -8.06 -26.88
FE HEM C . 1.67 -8.77 -25.03
CHA HEM D . -0.21 13.54 20.45
CHB HEM D . -3.11 11.21 23.57
CHC HEM D . -5.31 9.02 19.84
CHD HEM D . -1.95 10.90 16.74
C1A HEM D . -0.94 13.22 21.59
C2A HEM D . -0.70 13.78 22.92
C3A HEM D . -1.47 13.07 23.81
C4A HEM D . -2.21 12.10 23.02
CMA HEM D . -1.57 13.29 25.31
CAA HEM D . 0.19 14.96 23.25
CBA HEM D . 1.56 14.47 23.61
CGA HEM D . 2.46 15.56 24.17
O1A HEM D . 2.06 16.74 24.13
O2A HEM D . 3.56 15.25 24.65
C1B HEM D . -3.90 10.33 22.86
C2B HEM D . -5.06 9.63 23.49
C3B HEM D . -5.64 9.02 22.41
C4B HEM D . -4.94 9.39 21.14
CMB HEM D . -5.63 9.76 24.92
CAB HEM D . -6.66 8.08 22.47
CBB HEM D . -7.94 8.33 22.94
C1C HEM D . -4.61 9.38 18.67
C2C HEM D . -4.97 8.97 17.30
C3C HEM D . -3.98 9.39 16.43
C4C HEM D . -3.01 10.11 17.28
CMC HEM D . -6.26 8.29 16.87
CAC HEM D . -4.05 9.27 15.04
CBC HEM D . -3.01 8.68 14.30
C1D HEM D . -1.22 11.83 17.46
C2D HEM D . -0.15 12.63 16.91
C3D HEM D . 0.36 13.33 17.97
C4D HEM D . -0.39 12.97 19.17
CMD HEM D . 0.37 12.65 15.48
CAD HEM D . 1.49 14.34 17.92
CBD HEM D . 0.82 15.67 17.64
CGD HEM D . 1.78 16.83 17.78
O1D HEM D . 1.39 17.96 17.41
O2D HEM D . 2.92 16.61 18.25
NA HEM D . -1.91 12.22 21.65
NB HEM D . -3.87 10.20 21.43
NC HEM D . -3.46 10.13 18.64
ND HEM D . -1.37 12.03 18.87
FE HEM D . -2.71 11.17 20.12
#